data_2A0L
#
_entry.id   2A0L
#
_cell.length_a   136.362
_cell.length_b   136.362
_cell.length_c   191.812
_cell.angle_alpha   90.00
_cell.angle_beta   90.00
_cell.angle_gamma   90.00
#
_symmetry.space_group_name_H-M   'P 42 2 2'
#
loop_
_entity.id
_entity.type
_entity.pdbx_description
1 polymer 'Voltage-gated potassium channel'
2 polymer '33H1 Fv fragment'
3 polymer '33H1 Fv fragment'
4 non-polymer 'POTASSIUM ION'
#
loop_
_entity_poly.entity_id
_entity_poly.type
_entity_poly.pdbx_seq_one_letter_code
_entity_poly.pdbx_strand_id
1 'polypeptide(L)'
;LGLSDLGGRVRNIGDVMEHPLVELGVSYAALLSVIVVVVEYTMQLSGEYLVRLYLVDLILVIILWADYAYRAYKSGDPAG
YVKKTLYEIPALVPAGLLALIEGHLAGLGLFRLVRLLRFLRILLIISRGSKFLSAIADAADKIRFYHLFGAVMLTVLYGA
FAIYIVEYPDPNSSIKSVFDALWWAVVTATTVGYGDVVPATPIGKVIGIAVMLTGISALTLLIGTVSNMFQKILVGEPEP
S
;
A,B
2 'polypeptide(L)'
;QIVLTQSPAIMSASLGDRVTMTCTASSSVSSSYLHWYQQKPGSSPKLWIYSTSNLASGVPARFSGSGSGTSYSLTISSME
AEDAATYYCHQFHRSLTFGSGTKLE
;
C,E
3 'polypeptide(L)'
;DVQLQESGPGLVKPSQSLSLTCTVTGYSITNNYAWNWIRQFPGNKLEWMGYINYSGTTSYNPSLKSRISITRDTSKNQFF
LQLNSVTTEDTATYFCVRGYDYFAMDYWGQGTSVTV
;
D,F
#
loop_
_chem_comp.id
_chem_comp.type
_chem_comp.name
_chem_comp.formula
K non-polymer 'POTASSIUM ION' 'K 1'
#
# COMPACT_ATOMS: atom_id res chain seq x y z
N HIS A 19 -19.79 -4.69 16.53
CA HIS A 19 -18.85 -3.75 15.86
C HIS A 19 -17.47 -3.62 16.54
N PRO A 20 -17.33 -4.09 17.79
CA PRO A 20 -16.03 -4.00 18.46
C PRO A 20 -14.93 -4.75 17.70
N LEU A 21 -15.29 -5.86 17.05
CA LEU A 21 -14.31 -6.67 16.32
C LEU A 21 -13.47 -5.91 15.29
N VAL A 22 -14.04 -4.86 14.70
CA VAL A 22 -13.31 -4.08 13.71
C VAL A 22 -12.02 -3.51 14.30
N GLU A 23 -11.99 -3.27 15.60
CA GLU A 23 -10.80 -2.75 16.23
C GLU A 23 -9.77 -3.87 16.31
N LEU A 24 -10.22 -5.01 16.81
CA LEU A 24 -9.40 -6.20 16.96
C LEU A 24 -9.00 -6.78 15.61
N GLY A 25 -9.97 -6.83 14.69
CA GLY A 25 -9.73 -7.38 13.38
C GLY A 25 -8.83 -6.53 12.51
N VAL A 26 -8.92 -5.21 12.65
CA VAL A 26 -8.09 -4.32 11.84
C VAL A 26 -6.67 -4.29 12.38
N SER A 27 -6.50 -4.54 13.68
CA SER A 27 -5.18 -4.56 14.27
C SER A 27 -4.38 -5.66 13.60
N TYR A 28 -5.08 -6.73 13.24
CA TYR A 28 -4.44 -7.85 12.56
C TYR A 28 -3.97 -7.41 11.19
N ALA A 29 -4.81 -6.61 10.53
CA ALA A 29 -4.50 -6.13 9.20
C ALA A 29 -3.10 -5.53 9.12
N ALA A 30 -2.71 -4.81 10.19
CA ALA A 30 -1.40 -4.19 10.25
C ALA A 30 -0.27 -5.20 10.09
N LEU A 31 -0.33 -6.27 10.88
CA LEU A 31 0.68 -7.31 10.83
C LEU A 31 0.68 -7.91 9.43
N LEU A 32 -0.51 -8.22 8.95
CA LEU A 32 -0.70 -8.80 7.63
C LEU A 32 -0.19 -7.84 6.56
N SER A 33 -0.08 -6.58 6.92
CA SER A 33 0.37 -5.54 6.00
C SER A 33 1.88 -5.44 5.82
N VAL A 34 2.62 -5.53 6.93
CA VAL A 34 4.08 -5.46 6.86
C VAL A 34 4.61 -6.48 5.87
N ILE A 35 4.13 -7.72 6.00
CA ILE A 35 4.53 -8.80 5.14
C ILE A 35 4.44 -8.39 3.67
N VAL A 36 3.40 -7.65 3.34
CA VAL A 36 3.20 -7.18 1.97
C VAL A 36 4.43 -6.45 1.45
N VAL A 37 5.14 -5.78 2.36
CA VAL A 37 6.34 -5.03 1.98
C VAL A 37 7.56 -5.93 2.00
N VAL A 38 7.78 -6.61 3.13
CA VAL A 38 8.92 -7.50 3.29
C VAL A 38 9.07 -8.40 2.06
N VAL A 39 7.94 -8.76 1.46
CA VAL A 39 7.94 -9.61 0.27
C VAL A 39 8.11 -8.75 -0.98
N GLU A 40 7.47 -7.58 -0.97
CA GLU A 40 7.57 -6.67 -2.10
C GLU A 40 9.03 -6.26 -2.25
N TYR A 41 9.66 -6.00 -1.11
CA TYR A 41 11.06 -5.60 -1.11
C TYR A 41 11.94 -6.71 -1.67
N THR A 42 11.61 -7.95 -1.32
CA THR A 42 12.36 -9.11 -1.78
C THR A 42 12.47 -9.11 -3.30
N MET A 43 11.50 -8.48 -3.96
CA MET A 43 11.49 -8.39 -5.41
C MET A 43 12.58 -7.42 -5.84
N GLN A 44 12.55 -6.22 -5.29
CA GLN A 44 13.52 -5.17 -5.60
C GLN A 44 14.96 -5.57 -5.25
N LEU A 45 15.16 -6.82 -4.82
CA LEU A 45 16.49 -7.30 -4.46
C LEU A 45 16.93 -8.47 -5.35
N SER A 46 16.01 -8.98 -6.17
CA SER A 46 16.32 -10.10 -7.06
C SER A 46 16.07 -9.71 -8.51
N GLY A 47 15.66 -8.47 -8.72
CA GLY A 47 15.39 -7.98 -10.06
C GLY A 47 16.57 -7.24 -10.65
N GLU A 48 17.75 -7.47 -10.07
CA GLU A 48 18.97 -6.82 -10.54
C GLU A 48 19.77 -7.74 -11.47
N TYR A 49 19.68 -7.47 -12.77
CA TYR A 49 20.38 -8.23 -13.79
C TYR A 49 21.87 -8.37 -13.43
N LEU A 50 22.29 -7.61 -12.43
CA LEU A 50 23.69 -7.61 -11.98
C LEU A 50 24.01 -8.69 -10.95
N VAL A 51 23.93 -8.31 -9.67
CA VAL A 51 24.23 -9.21 -8.55
C VAL A 51 23.85 -10.66 -8.84
N ARG A 52 22.76 -10.84 -9.59
CA ARG A 52 22.28 -12.15 -9.96
C ARG A 52 23.33 -12.80 -10.86
N LEU A 53 23.65 -12.10 -11.94
CA LEU A 53 24.61 -12.57 -12.93
C LEU A 53 26.07 -12.47 -12.47
N TYR A 54 26.28 -12.07 -11.22
CA TYR A 54 27.64 -11.96 -10.69
C TYR A 54 28.01 -13.08 -9.74
N LEU A 55 27.03 -13.58 -8.99
CA LEU A 55 27.30 -14.67 -8.05
C LEU A 55 27.51 -15.94 -8.88
N VAL A 56 26.84 -16.00 -10.03
CA VAL A 56 26.95 -17.16 -10.91
C VAL A 56 28.36 -17.31 -11.46
N ASP A 57 28.93 -16.21 -11.95
CA ASP A 57 30.26 -16.24 -12.52
C ASP A 57 31.35 -16.26 -11.44
N LEU A 58 30.94 -16.22 -10.18
CA LEU A 58 31.89 -16.25 -9.08
C LEU A 58 31.89 -17.64 -8.45
N ILE A 59 30.80 -18.37 -8.65
CA ILE A 59 30.67 -19.71 -8.11
C ILE A 59 31.32 -20.70 -9.06
N LEU A 60 31.20 -20.42 -10.36
CA LEU A 60 31.78 -21.29 -11.38
C LEU A 60 33.29 -21.29 -11.29
N VAL A 61 33.85 -20.18 -10.78
CA VAL A 61 35.30 -20.05 -10.63
C VAL A 61 35.77 -20.65 -9.31
N ILE A 62 34.96 -20.54 -8.26
CA ILE A 62 35.34 -21.10 -6.98
C ILE A 62 35.58 -22.58 -7.20
N ILE A 63 34.90 -23.12 -8.21
CA ILE A 63 35.04 -24.53 -8.57
C ILE A 63 36.44 -24.74 -9.12
N LEU A 64 36.94 -23.74 -9.83
CA LEU A 64 38.27 -23.81 -10.42
C LEU A 64 39.31 -23.52 -9.34
N TRP A 65 38.89 -22.79 -8.32
CA TRP A 65 39.79 -22.43 -7.20
C TRP A 65 40.23 -23.67 -6.45
N ALA A 66 39.60 -24.80 -6.73
CA ALA A 66 39.93 -26.06 -6.09
C ALA A 66 40.06 -27.11 -7.17
N ASP A 67 39.75 -26.73 -8.40
CA ASP A 67 39.82 -27.63 -9.54
C ASP A 67 41.25 -27.72 -10.06
N TYR A 68 41.82 -26.56 -10.38
CA TYR A 68 43.17 -26.50 -10.93
C TYR A 68 44.20 -26.02 -9.92
N ALA A 69 43.76 -25.30 -8.90
CA ALA A 69 44.67 -24.81 -7.88
C ALA A 69 44.66 -25.74 -6.67
N TYR A 70 44.39 -27.02 -6.92
CA TYR A 70 44.36 -28.00 -5.85
C TYR A 70 45.32 -29.17 -6.07
N ARG A 71 46.37 -28.95 -6.84
CA ARG A 71 47.34 -30.01 -7.08
C ARG A 71 48.15 -30.17 -5.79
N ALA A 72 48.71 -31.36 -5.57
CA ALA A 72 49.50 -31.65 -4.38
C ALA A 72 50.48 -30.53 -4.00
N TYR A 73 51.08 -30.66 -2.81
CA TYR A 73 52.04 -29.66 -2.33
C TYR A 73 53.35 -29.69 -3.10
N LYS A 74 53.25 -29.50 -4.42
CA LYS A 74 54.42 -29.49 -5.29
C LYS A 74 54.11 -28.64 -6.52
N SER A 75 52.86 -28.20 -6.60
CA SER A 75 52.41 -27.32 -7.68
C SER A 75 51.95 -26.10 -6.89
N GLY A 76 51.80 -26.33 -5.58
CA GLY A 76 51.38 -25.28 -4.67
C GLY A 76 52.59 -24.58 -4.09
N ASP A 77 53.75 -24.90 -4.65
CA ASP A 77 55.02 -24.30 -4.22
C ASP A 77 55.65 -23.57 -5.42
N PRO A 78 55.55 -24.15 -6.62
CA PRO A 78 56.11 -23.53 -7.82
C PRO A 78 55.32 -22.31 -8.29
N ALA A 79 55.72 -21.13 -7.85
CA ALA A 79 55.05 -19.90 -8.23
C ALA A 79 55.15 -19.78 -9.74
N GLY A 80 56.30 -20.17 -10.27
CA GLY A 80 56.54 -20.12 -11.71
C GLY A 80 55.46 -20.86 -12.47
N TYR A 81 54.94 -21.94 -11.87
CA TYR A 81 53.90 -22.72 -12.53
C TYR A 81 52.54 -22.52 -11.88
N VAL A 82 51.84 -21.52 -12.41
CA VAL A 82 50.50 -21.07 -12.02
C VAL A 82 50.44 -19.86 -12.94
N LYS A 83 51.55 -19.13 -12.92
CA LYS A 83 51.73 -17.95 -13.77
C LYS A 83 52.09 -18.57 -15.12
N LYS A 84 52.71 -19.74 -15.05
CA LYS A 84 53.12 -20.49 -16.23
C LYS A 84 51.90 -20.63 -17.13
N THR A 85 50.77 -20.93 -16.49
CA THR A 85 49.51 -21.09 -17.21
C THR A 85 48.83 -19.72 -17.28
N LEU A 86 49.44 -18.81 -18.05
CA LEU A 86 48.91 -17.46 -18.20
C LEU A 86 47.53 -17.46 -18.87
N TYR A 87 47.07 -18.63 -19.28
CA TYR A 87 45.76 -18.76 -19.91
C TYR A 87 44.67 -19.02 -18.87
N GLU A 88 45.09 -19.45 -17.68
CA GLU A 88 44.14 -19.72 -16.60
C GLU A 88 44.09 -18.61 -15.56
N ILE A 89 45.25 -18.03 -15.25
CA ILE A 89 45.32 -16.97 -14.26
C ILE A 89 44.16 -15.98 -14.41
N PRO A 90 43.97 -15.42 -15.62
CA PRO A 90 42.87 -14.46 -15.81
C PRO A 90 41.52 -15.09 -15.48
N ALA A 91 41.39 -16.39 -15.72
CA ALA A 91 40.15 -17.11 -15.46
C ALA A 91 39.95 -17.34 -13.96
N LEU A 92 41.00 -17.75 -13.27
CA LEU A 92 40.90 -18.02 -11.84
C LEU A 92 41.07 -16.77 -10.99
N VAL A 93 40.57 -15.62 -11.45
CA VAL A 93 40.70 -14.40 -10.67
C VAL A 93 39.43 -14.02 -9.92
N PRO A 94 38.39 -13.53 -10.62
CA PRO A 94 37.24 -13.21 -9.77
C PRO A 94 35.92 -13.55 -10.44
N ALA A 95 35.40 -12.55 -11.14
CA ALA A 95 34.14 -12.59 -11.88
C ALA A 95 33.78 -11.12 -12.01
N GLY A 96 33.43 -10.53 -10.87
CA GLY A 96 33.07 -9.12 -10.81
C GLY A 96 33.98 -8.38 -9.86
N LEU A 97 34.77 -9.14 -9.08
CA LEU A 97 35.70 -8.53 -8.13
C LEU A 97 36.75 -7.78 -8.92
N LEU A 98 36.56 -7.74 -10.24
CA LEU A 98 37.43 -7.04 -11.16
C LEU A 98 36.70 -5.74 -11.46
N ALA A 99 35.38 -5.84 -11.52
CA ALA A 99 34.52 -4.70 -11.77
C ALA A 99 34.31 -3.96 -10.46
N LEU A 100 34.38 -4.70 -9.35
CA LEU A 100 34.22 -4.13 -8.02
C LEU A 100 35.26 -3.02 -7.92
N ILE A 101 36.45 -3.32 -8.41
CA ILE A 101 37.57 -2.39 -8.41
C ILE A 101 37.20 -1.18 -9.26
N GLU A 102 36.57 -1.44 -10.40
CA GLU A 102 36.16 -0.39 -11.32
C GLU A 102 35.43 0.72 -10.57
N GLY A 103 34.82 0.36 -9.44
CA GLY A 103 34.11 1.33 -8.64
C GLY A 103 35.06 2.30 -7.97
N HIS A 104 36.07 1.76 -7.29
CA HIS A 104 37.04 2.60 -6.60
C HIS A 104 37.89 3.35 -7.63
N LEU A 105 37.66 3.06 -8.91
CA LEU A 105 38.38 3.73 -9.99
C LEU A 105 37.57 4.90 -10.51
N ALA A 106 36.38 4.61 -11.03
CA ALA A 106 35.51 5.64 -11.55
C ALA A 106 35.29 6.71 -10.49
N GLY A 107 35.34 6.29 -9.22
CA GLY A 107 35.16 7.22 -8.13
C GLY A 107 36.33 8.18 -8.09
N LEU A 108 37.50 7.68 -8.51
CA LEU A 108 38.71 8.49 -8.53
C LEU A 108 38.96 9.04 -9.93
N GLY A 109 37.86 9.32 -10.63
CA GLY A 109 37.92 9.86 -11.97
C GLY A 109 38.90 9.25 -12.96
N LEU A 110 39.47 8.10 -12.62
CA LEU A 110 40.41 7.44 -13.52
C LEU A 110 39.66 6.87 -14.71
N PHE A 111 38.63 7.60 -15.15
CA PHE A 111 37.78 7.21 -16.26
C PHE A 111 38.53 6.66 -17.48
N ARG A 112 39.79 7.04 -17.63
CA ARG A 112 40.57 6.55 -18.76
C ARG A 112 40.79 5.06 -18.58
N LEU A 113 41.33 4.69 -17.43
CA LEU A 113 41.62 3.29 -17.10
C LEU A 113 40.39 2.41 -17.09
N VAL A 114 39.22 3.01 -16.92
CA VAL A 114 37.98 2.25 -16.90
C VAL A 114 37.78 1.44 -18.18
N ARG A 115 37.98 2.09 -19.33
CA ARG A 115 37.81 1.42 -20.61
C ARG A 115 38.58 0.10 -20.71
N LEU A 116 39.87 0.15 -20.38
CA LEU A 116 40.72 -1.03 -20.44
C LEU A 116 40.17 -2.17 -19.59
N LEU A 117 39.73 -1.85 -18.38
CA LEU A 117 39.17 -2.87 -17.49
C LEU A 117 37.83 -3.37 -17.99
N ARG A 118 37.17 -2.58 -18.82
CA ARG A 118 35.89 -2.98 -19.39
C ARG A 118 36.12 -4.06 -20.42
N PHE A 119 37.21 -3.94 -21.16
CA PHE A 119 37.54 -4.92 -22.17
C PHE A 119 37.88 -6.24 -21.50
N LEU A 120 38.53 -6.17 -20.35
CA LEU A 120 38.92 -7.37 -19.60
C LEU A 120 37.71 -8.21 -19.20
N ARG A 121 36.65 -7.56 -18.76
CA ARG A 121 35.45 -8.29 -18.36
C ARG A 121 34.78 -8.84 -19.62
N ILE A 122 34.87 -8.09 -20.71
CA ILE A 122 34.30 -8.50 -21.99
C ILE A 122 34.99 -9.77 -22.48
N LEU A 123 36.31 -9.76 -22.42
CA LEU A 123 37.10 -10.92 -22.85
C LEU A 123 36.85 -12.11 -21.94
N LEU A 124 36.71 -11.83 -20.64
CA LEU A 124 36.48 -12.88 -19.65
C LEU A 124 35.14 -13.59 -19.81
N ILE A 125 34.11 -12.84 -20.19
CA ILE A 125 32.78 -13.42 -20.36
C ILE A 125 32.71 -14.26 -21.63
N ILE A 126 33.50 -13.90 -22.63
CA ILE A 126 33.51 -14.65 -23.87
C ILE A 126 34.32 -15.92 -23.64
N SER A 127 35.43 -15.77 -22.92
CA SER A 127 36.28 -16.92 -22.61
C SER A 127 35.47 -17.92 -21.80
N ARG A 128 35.20 -17.59 -20.54
CA ARG A 128 34.44 -18.49 -19.67
C ARG A 128 33.11 -18.92 -20.27
N GLY A 129 32.27 -17.95 -20.63
CA GLY A 129 30.98 -18.26 -21.21
C GLY A 129 31.06 -19.36 -22.26
N SER A 130 31.71 -19.06 -23.37
CA SER A 130 31.84 -20.03 -24.46
C SER A 130 32.67 -21.25 -24.04
N LYS A 131 33.84 -21.00 -23.44
CA LYS A 131 34.71 -22.10 -22.99
C LYS A 131 33.95 -23.09 -22.13
N PHE A 132 33.28 -22.60 -21.09
CA PHE A 132 32.54 -23.47 -20.20
C PHE A 132 31.45 -24.23 -20.96
N LEU A 133 30.76 -23.55 -21.86
CA LEU A 133 29.70 -24.18 -22.64
C LEU A 133 30.22 -25.34 -23.48
N SER A 134 31.52 -25.59 -23.40
CA SER A 134 32.13 -26.67 -24.17
C SER A 134 32.03 -28.00 -23.42
N ALA A 135 31.55 -27.95 -22.17
CA ALA A 135 31.38 -29.16 -21.36
C ALA A 135 30.09 -29.86 -21.80
N ILE A 136 30.12 -30.32 -23.04
CA ILE A 136 29.04 -31.01 -23.73
C ILE A 136 27.95 -31.77 -22.99
N ALA A 137 26.98 -32.23 -23.76
CA ALA A 137 25.82 -33.01 -23.33
C ALA A 137 24.62 -32.20 -22.87
N ASP A 138 24.77 -30.88 -22.85
CA ASP A 138 23.69 -29.98 -22.44
C ASP A 138 23.93 -28.58 -22.99
N ALA A 139 23.19 -28.21 -24.02
CA ALA A 139 23.32 -26.90 -24.64
C ALA A 139 22.17 -25.99 -24.26
N ALA A 140 22.51 -24.82 -23.71
CA ALA A 140 21.51 -23.83 -23.30
C ALA A 140 20.58 -24.38 -22.23
N ASP A 141 20.83 -25.62 -21.79
CA ASP A 141 20.02 -26.22 -20.74
C ASP A 141 20.75 -25.99 -19.43
N LYS A 142 22.08 -25.91 -19.52
CA LYS A 142 22.89 -25.69 -18.34
C LYS A 142 23.57 -24.34 -18.28
N ILE A 143 22.79 -23.42 -17.75
CA ILE A 143 23.16 -22.04 -17.51
C ILE A 143 21.81 -21.47 -17.02
N ARG A 144 20.72 -21.79 -17.74
CA ARG A 144 19.38 -21.38 -17.32
C ARG A 144 19.24 -21.86 -15.88
N PHE A 145 19.90 -22.98 -15.59
CA PHE A 145 19.87 -23.57 -14.26
C PHE A 145 20.45 -22.62 -13.21
N TYR A 146 21.78 -22.57 -13.14
CA TYR A 146 22.47 -21.71 -12.18
C TYR A 146 21.90 -20.31 -12.23
N HIS A 147 21.79 -19.77 -13.45
CA HIS A 147 21.24 -18.44 -13.67
C HIS A 147 20.03 -18.24 -12.78
N LEU A 148 19.18 -19.27 -12.73
CA LEU A 148 17.97 -19.24 -11.93
C LEU A 148 18.33 -19.54 -10.47
N PHE A 149 19.20 -20.52 -10.26
CA PHE A 149 19.64 -20.90 -8.93
C PHE A 149 20.10 -19.65 -8.18
N GLY A 150 20.53 -18.66 -8.95
CA GLY A 150 20.98 -17.42 -8.36
C GLY A 150 19.88 -16.76 -7.56
N ALA A 151 19.06 -15.95 -8.22
CA ALA A 151 17.96 -15.24 -7.58
C ALA A 151 17.38 -16.06 -6.44
N VAL A 152 17.10 -17.33 -6.73
CA VAL A 152 16.55 -18.25 -5.74
C VAL A 152 17.33 -18.15 -4.45
N MET A 153 18.64 -18.33 -4.55
CA MET A 153 19.49 -18.26 -3.37
C MET A 153 19.56 -16.85 -2.80
N LEU A 154 19.77 -15.86 -3.66
CA LEU A 154 19.84 -14.47 -3.21
C LEU A 154 18.72 -14.18 -2.22
N THR A 155 17.50 -14.39 -2.68
CA THR A 155 16.32 -14.16 -1.86
C THR A 155 16.44 -14.83 -0.49
N VAL A 156 16.74 -16.13 -0.49
CA VAL A 156 16.88 -16.87 0.77
C VAL A 156 17.84 -16.10 1.67
N LEU A 157 18.93 -15.64 1.09
CA LEU A 157 19.94 -14.86 1.80
C LEU A 157 19.25 -13.68 2.45
N TYR A 158 18.73 -12.81 1.59
CA TYR A 158 18.02 -11.62 2.02
C TYR A 158 17.13 -12.00 3.18
N GLY A 159 16.45 -13.13 3.06
CA GLY A 159 15.57 -13.59 4.12
C GLY A 159 16.36 -13.86 5.39
N ALA A 160 17.30 -14.78 5.32
CA ALA A 160 18.12 -15.13 6.47
C ALA A 160 18.64 -13.86 7.12
N PHE A 161 19.00 -12.88 6.29
CA PHE A 161 19.53 -11.61 6.77
C PHE A 161 18.43 -10.88 7.53
N ALA A 162 17.22 -10.91 6.98
CA ALA A 162 16.08 -10.24 7.61
C ALA A 162 15.98 -10.68 9.07
N ILE A 163 15.88 -11.99 9.29
CA ILE A 163 15.79 -12.53 10.64
C ILE A 163 17.08 -12.25 11.40
N TYR A 164 18.21 -12.42 10.73
CA TYR A 164 19.52 -12.20 11.32
C TYR A 164 19.52 -10.90 12.13
N ILE A 165 19.08 -9.82 11.50
CA ILE A 165 19.01 -8.52 12.14
C ILE A 165 18.13 -8.55 13.39
N VAL A 166 16.92 -9.07 13.22
CA VAL A 166 15.94 -9.13 14.31
C VAL A 166 16.04 -10.35 15.22
N GLU A 167 17.12 -11.12 15.11
CA GLU A 167 17.27 -12.30 15.95
C GLU A 167 18.63 -12.42 16.64
N TYR A 168 19.68 -12.02 15.94
CA TYR A 168 21.03 -12.09 16.49
C TYR A 168 21.15 -11.45 17.89
N PRO A 169 20.69 -10.18 18.03
CA PRO A 169 20.77 -9.49 19.31
C PRO A 169 19.97 -10.12 20.44
N ASP A 170 18.81 -10.69 20.11
CA ASP A 170 17.96 -11.31 21.11
C ASP A 170 18.72 -12.27 22.02
N PRO A 171 18.39 -12.25 23.33
CA PRO A 171 19.02 -13.11 24.33
C PRO A 171 18.85 -14.59 24.01
N ASN A 172 17.91 -15.22 24.69
CA ASN A 172 17.63 -16.64 24.47
C ASN A 172 16.94 -16.82 23.13
N SER A 173 17.72 -16.73 22.06
CA SER A 173 17.22 -16.89 20.70
C SER A 173 18.08 -17.95 20.00
N SER A 174 17.49 -19.11 19.76
CA SER A 174 18.17 -20.23 19.12
C SER A 174 18.97 -19.83 17.87
N ILE A 175 18.70 -18.66 17.33
CA ILE A 175 19.40 -18.18 16.14
C ILE A 175 20.58 -17.29 16.54
N LYS A 176 21.76 -17.61 16.02
CA LYS A 176 22.95 -16.83 16.33
C LYS A 176 23.77 -16.46 15.10
N SER A 177 24.64 -17.37 14.67
CA SER A 177 25.48 -17.14 13.50
C SER A 177 24.64 -16.87 12.25
N VAL A 178 25.30 -16.49 11.17
CA VAL A 178 24.61 -16.23 9.92
C VAL A 178 24.20 -17.57 9.34
N PHE A 179 24.88 -18.63 9.77
CA PHE A 179 24.56 -20.00 9.33
C PHE A 179 23.21 -20.36 9.91
N ASP A 180 23.15 -20.36 11.25
CA ASP A 180 21.92 -20.69 11.97
C ASP A 180 20.72 -19.93 11.41
N ALA A 181 20.94 -18.67 11.04
CA ALA A 181 19.86 -17.85 10.49
C ALA A 181 19.67 -18.18 9.03
N LEU A 182 20.72 -18.71 8.43
CA LEU A 182 20.69 -19.07 7.03
C LEU A 182 19.99 -20.42 6.92
N TRP A 183 20.28 -21.28 7.89
CA TRP A 183 19.70 -22.62 7.94
C TRP A 183 18.19 -22.44 7.97
N TRP A 184 17.72 -21.75 9.01
CA TRP A 184 16.30 -21.49 9.19
C TRP A 184 15.68 -21.03 7.88
N ALA A 185 16.42 -20.23 7.12
CA ALA A 185 15.96 -19.71 5.84
C ALA A 185 15.68 -20.83 4.85
N VAL A 186 16.72 -21.59 4.50
CA VAL A 186 16.59 -22.70 3.57
C VAL A 186 15.48 -23.62 4.06
N VAL A 187 15.63 -24.08 5.29
CA VAL A 187 14.69 -24.98 5.93
C VAL A 187 13.23 -24.55 5.76
N THR A 188 12.95 -23.29 6.08
CA THR A 188 11.58 -22.77 5.97
C THR A 188 11.22 -22.40 4.52
N ALA A 189 12.24 -22.34 3.67
CA ALA A 189 12.02 -22.02 2.26
C ALA A 189 11.93 -23.29 1.43
N THR A 190 12.48 -24.37 1.98
CA THR A 190 12.45 -25.67 1.31
C THR A 190 11.25 -26.44 1.84
N THR A 191 10.38 -25.70 2.52
CA THR A 191 9.17 -26.27 3.10
C THR A 191 9.51 -27.31 4.16
N VAL A 192 10.79 -27.48 4.46
CA VAL A 192 11.20 -28.48 5.45
C VAL A 192 10.94 -28.15 6.92
N GLY A 193 11.54 -27.08 7.43
CA GLY A 193 11.34 -26.70 8.81
C GLY A 193 11.55 -27.82 9.84
N TYR A 194 12.40 -27.60 10.83
CA TYR A 194 12.60 -28.63 11.84
C TYR A 194 12.10 -28.10 13.18
N GLY A 195 12.81 -28.41 14.25
CA GLY A 195 12.41 -27.93 15.56
C GLY A 195 13.58 -27.28 16.26
N ASP A 196 14.55 -26.82 15.47
CA ASP A 196 15.76 -26.19 15.97
C ASP A 196 15.77 -24.69 15.68
N VAL A 197 15.57 -24.34 14.41
CA VAL A 197 15.56 -22.95 14.00
C VAL A 197 14.16 -22.34 14.05
N VAL A 198 13.99 -21.33 14.88
CA VAL A 198 12.71 -20.66 15.03
C VAL A 198 12.86 -19.34 15.78
N PRO A 199 12.32 -18.25 15.22
CA PRO A 199 12.40 -16.92 15.85
C PRO A 199 11.83 -16.89 17.27
N ALA A 200 12.57 -16.28 18.18
CA ALA A 200 12.12 -16.17 19.57
C ALA A 200 11.20 -14.96 19.66
N THR A 201 11.70 -13.82 19.23
CA THR A 201 10.93 -12.58 19.24
C THR A 201 9.84 -12.72 18.20
N PRO A 202 8.57 -12.44 18.58
CA PRO A 202 7.47 -12.55 17.61
C PRO A 202 7.75 -11.79 16.32
N ILE A 203 8.64 -10.81 16.40
CA ILE A 203 9.01 -10.01 15.24
C ILE A 203 9.65 -10.89 14.18
N GLY A 204 10.55 -11.77 14.61
CA GLY A 204 11.20 -12.66 13.68
C GLY A 204 10.16 -13.57 13.04
N LYS A 205 9.26 -14.07 13.88
CA LYS A 205 8.18 -14.94 13.43
C LYS A 205 7.39 -14.17 12.38
N VAL A 206 7.23 -12.87 12.61
CA VAL A 206 6.51 -12.00 11.70
C VAL A 206 7.15 -12.04 10.31
N ILE A 207 8.30 -11.38 10.19
CA ILE A 207 9.03 -11.33 8.93
C ILE A 207 9.15 -12.73 8.34
N GLY A 208 9.17 -13.73 9.20
CA GLY A 208 9.28 -15.10 8.74
C GLY A 208 8.13 -15.42 7.78
N ILE A 209 6.93 -15.03 8.18
CA ILE A 209 5.74 -15.26 7.36
C ILE A 209 6.01 -14.74 5.95
N ALA A 210 6.82 -13.69 5.86
CA ALA A 210 7.17 -13.11 4.57
C ALA A 210 8.22 -14.00 3.92
N VAL A 211 9.29 -14.28 4.67
CA VAL A 211 10.38 -15.12 4.19
C VAL A 211 9.82 -16.31 3.43
N MET A 212 9.16 -17.21 4.15
CA MET A 212 8.58 -18.39 3.54
C MET A 212 7.61 -18.05 2.41
N LEU A 213 6.82 -17.00 2.59
CA LEU A 213 5.87 -16.61 1.56
C LEU A 213 6.66 -16.38 0.27
N THR A 214 7.93 -16.04 0.43
CA THR A 214 8.81 -15.79 -0.70
C THR A 214 9.67 -17.02 -0.97
N GLY A 215 10.66 -17.24 -0.11
CA GLY A 215 11.55 -18.38 -0.26
C GLY A 215 10.89 -19.60 -0.87
N ILE A 216 9.70 -19.94 -0.37
CA ILE A 216 8.98 -21.10 -0.89
C ILE A 216 8.71 -20.93 -2.38
N SER A 217 7.80 -20.03 -2.72
CA SER A 217 7.43 -19.76 -4.11
C SER A 217 8.63 -19.81 -5.06
N ALA A 218 9.71 -19.17 -4.67
CA ALA A 218 10.91 -19.13 -5.50
C ALA A 218 11.62 -20.49 -5.49
N LEU A 219 12.03 -20.91 -4.30
CA LEU A 219 12.72 -22.18 -4.13
C LEU A 219 11.97 -23.30 -4.85
N THR A 220 10.69 -23.05 -5.11
CA THR A 220 9.86 -24.03 -5.80
C THR A 220 10.09 -23.93 -7.31
N LEU A 221 10.12 -22.71 -7.83
CA LEU A 221 10.34 -22.51 -9.26
C LEU A 221 11.68 -23.16 -9.59
N LEU A 222 12.55 -23.20 -8.58
CA LEU A 222 13.87 -23.80 -8.71
C LEU A 222 13.72 -25.30 -8.91
N ILE A 223 13.21 -25.96 -7.88
CA ILE A 223 12.99 -27.40 -7.88
C ILE A 223 12.12 -27.80 -9.08
N GLY A 224 11.35 -26.83 -9.58
CA GLY A 224 10.50 -27.10 -10.72
C GLY A 224 11.33 -27.53 -11.91
N THR A 225 12.38 -26.75 -12.19
CA THR A 225 13.27 -27.06 -13.30
C THR A 225 14.19 -28.20 -12.89
N VAL A 226 14.58 -28.20 -11.62
CA VAL A 226 15.44 -29.25 -11.08
C VAL A 226 14.75 -30.58 -11.38
N SER A 227 13.46 -30.61 -11.08
CA SER A 227 12.65 -31.80 -11.31
C SER A 227 12.66 -32.16 -12.78
N ASN A 228 12.13 -31.27 -13.61
CA ASN A 228 12.08 -31.50 -15.06
C ASN A 228 13.42 -31.99 -15.58
N MET A 229 14.47 -31.23 -15.29
CA MET A 229 15.81 -31.59 -15.74
C MET A 229 16.16 -32.98 -15.22
N PHE A 230 15.76 -33.25 -13.99
CA PHE A 230 16.02 -34.52 -13.32
C PHE A 230 15.36 -35.68 -14.08
N GLN A 231 14.44 -35.33 -14.98
CA GLN A 231 13.74 -36.34 -15.76
C GLN A 231 14.58 -36.79 -16.95
N LYS A 232 15.89 -36.84 -16.75
CA LYS A 232 16.81 -37.26 -17.81
C LYS A 232 17.65 -38.45 -17.34
N HIS B 19 -18.12 -58.60 12.39
CA HIS B 19 -19.01 -57.41 12.34
C HIS B 19 -18.76 -56.33 13.41
N PRO B 20 -17.95 -56.63 14.45
CA PRO B 20 -17.70 -55.62 15.48
C PRO B 20 -17.05 -54.32 14.99
N LEU B 21 -16.11 -54.43 14.06
CA LEU B 21 -15.41 -53.25 13.53
C LEU B 21 -16.31 -52.12 13.03
N VAL B 22 -17.48 -52.47 12.51
CA VAL B 22 -18.39 -51.44 12.01
C VAL B 22 -18.76 -50.43 13.10
N GLU B 23 -18.73 -50.88 14.35
CA GLU B 23 -19.05 -49.97 15.45
C GLU B 23 -17.86 -49.04 15.64
N LEU B 24 -16.67 -49.63 15.71
CA LEU B 24 -15.44 -48.90 15.89
C LEU B 24 -15.11 -48.04 14.67
N GLY B 25 -15.29 -48.62 13.49
CA GLY B 25 -15.00 -47.92 12.25
C GLY B 25 -15.94 -46.79 11.94
N VAL B 26 -17.20 -46.94 12.29
CA VAL B 26 -18.19 -45.88 12.03
C VAL B 26 -18.03 -44.73 13.01
N SER B 27 -17.50 -45.02 14.19
CA SER B 27 -17.28 -43.98 15.19
C SER B 27 -16.29 -43.00 14.60
N TYR B 28 -15.36 -43.53 13.83
CA TYR B 28 -14.37 -42.69 13.20
C TYR B 28 -15.03 -41.78 12.18
N ALA B 29 -16.00 -42.33 11.46
CA ALA B 29 -16.72 -41.59 10.43
C ALA B 29 -17.22 -40.26 10.98
N ALA B 30 -17.71 -40.27 12.22
CA ALA B 30 -18.22 -39.06 12.86
C ALA B 30 -17.18 -37.94 12.90
N LEU B 31 -15.99 -38.27 13.38
CA LEU B 31 -14.90 -37.30 13.46
C LEU B 31 -14.57 -36.80 12.07
N LEU B 32 -14.46 -37.73 11.15
CA LEU B 32 -14.15 -37.46 9.76
C LEU B 32 -15.26 -36.63 9.14
N SER B 33 -16.43 -36.65 9.77
CA SER B 33 -17.60 -35.93 9.28
C SER B 33 -17.62 -34.45 9.65
N VAL B 34 -17.27 -34.13 10.89
CA VAL B 34 -17.27 -32.75 11.35
C VAL B 34 -16.44 -31.89 10.42
N ILE B 35 -15.23 -32.38 10.12
CA ILE B 35 -14.30 -31.69 9.24
C ILE B 35 -14.99 -31.27 7.94
N VAL B 36 -15.87 -32.13 7.44
CA VAL B 36 -16.59 -31.85 6.21
C VAL B 36 -17.33 -30.53 6.30
N VAL B 37 -17.77 -30.18 7.50
CA VAL B 37 -18.51 -28.94 7.73
C VAL B 37 -17.55 -27.78 7.98
N VAL B 38 -16.65 -27.96 8.95
CA VAL B 38 -15.67 -26.95 9.30
C VAL B 38 -15.02 -26.38 8.03
N VAL B 39 -14.84 -27.22 7.03
CA VAL B 39 -14.25 -26.81 5.77
C VAL B 39 -15.32 -26.23 4.87
N GLU B 40 -16.50 -26.83 4.89
CA GLU B 40 -17.61 -26.36 4.07
C GLU B 40 -17.95 -24.95 4.52
N TYR B 41 -17.94 -24.74 5.83
CA TYR B 41 -18.24 -23.43 6.39
C TYR B 41 -17.20 -22.41 5.94
N THR B 42 -15.94 -22.82 5.90
CA THR B 42 -14.85 -21.95 5.48
C THR B 42 -15.14 -21.33 4.12
N MET B 43 -15.95 -22.01 3.32
CA MET B 43 -16.31 -21.52 2.00
C MET B 43 -17.28 -20.35 2.16
N GLN B 44 -18.35 -20.59 2.92
CA GLN B 44 -19.37 -19.58 3.17
C GLN B 44 -18.83 -18.34 3.90
N LEU B 45 -17.52 -18.29 4.11
CA LEU B 45 -16.88 -17.16 4.79
C LEU B 45 -15.88 -16.44 3.89
N SER B 46 -15.61 -17.01 2.72
CA SER B 46 -14.67 -16.42 1.77
C SER B 46 -15.34 -16.15 0.43
N GLY B 47 -16.62 -16.48 0.35
CA GLY B 47 -17.37 -16.26 -0.87
C GLY B 47 -18.15 -14.96 -0.81
N GLU B 48 -17.76 -14.09 0.13
CA GLU B 48 -18.42 -12.80 0.29
C GLU B 48 -17.64 -11.69 -0.43
N TYR B 49 -18.17 -11.28 -1.58
CA TYR B 49 -17.58 -10.22 -2.40
C TYR B 49 -17.26 -8.97 -1.59
N LEU B 50 -17.73 -8.94 -0.34
CA LEU B 50 -17.53 -7.80 0.55
C LEU B 50 -16.25 -7.88 1.38
N VAL B 51 -16.37 -8.40 2.60
CA VAL B 51 -15.25 -8.53 3.53
C VAL B 51 -13.92 -8.80 2.83
N ARG B 52 -13.99 -9.56 1.74
CA ARG B 52 -12.81 -9.87 0.95
C ARG B 52 -12.27 -8.59 0.37
N LEU B 53 -13.13 -7.89 -0.37
CA LEU B 53 -12.78 -6.64 -1.03
C LEU B 53 -12.67 -5.45 -0.08
N TYR B 54 -12.80 -5.69 1.22
CA TYR B 54 -12.70 -4.61 2.19
C TYR B 54 -11.38 -4.62 2.95
N LEU B 55 -10.83 -5.81 3.20
CA LEU B 55 -9.56 -5.90 3.91
C LEU B 55 -8.46 -5.43 2.98
N VAL B 56 -8.68 -5.64 1.68
CA VAL B 56 -7.71 -5.24 0.67
C VAL B 56 -7.55 -3.72 0.62
N ASP B 57 -8.67 -3.00 0.62
CA ASP B 57 -8.63 -1.55 0.55
C ASP B 57 -8.32 -0.92 1.91
N LEU B 58 -8.16 -1.75 2.92
CA LEU B 58 -7.83 -1.25 4.26
C LEU B 58 -6.36 -1.50 4.54
N ILE B 59 -5.77 -2.46 3.82
CA ILE B 59 -4.36 -2.78 3.99
C ILE B 59 -3.52 -1.85 3.13
N LEU B 60 -4.06 -1.49 1.98
CA LEU B 60 -3.36 -0.60 1.06
C LEU B 60 -3.21 0.79 1.68
N VAL B 61 -4.14 1.13 2.55
CA VAL B 61 -4.12 2.43 3.23
C VAL B 61 -3.24 2.40 4.47
N ILE B 62 -3.22 1.27 5.17
CA ILE B 62 -2.39 1.15 6.37
C ILE B 62 -0.96 1.44 5.93
N ILE B 63 -0.69 1.16 4.67
CA ILE B 63 0.63 1.41 4.10
C ILE B 63 0.85 2.91 4.02
N LEU B 64 -0.23 3.65 3.76
CA LEU B 64 -0.15 5.10 3.67
C LEU B 64 -0.14 5.68 5.07
N TRP B 65 -0.70 4.93 6.03
CA TRP B 65 -0.76 5.37 7.42
C TRP B 65 0.64 5.50 8.02
N ALA B 66 1.63 5.00 7.30
CA ALA B 66 3.01 5.07 7.74
C ALA B 66 3.86 5.56 6.57
N ASP B 67 3.21 5.71 5.42
CA ASP B 67 3.88 6.18 4.22
C ASP B 67 3.98 7.70 4.22
N TYR B 68 2.84 8.36 4.36
CA TYR B 68 2.79 9.82 4.35
C TYR B 68 2.61 10.42 5.74
N ALA B 69 2.06 9.65 6.65
CA ALA B 69 1.84 10.14 8.01
C ALA B 69 2.99 9.70 8.91
N TYR B 70 4.17 9.53 8.32
CA TYR B 70 5.33 9.10 9.09
C TYR B 70 6.51 10.06 8.98
N ARG B 71 6.24 11.32 8.69
CA ARG B 71 7.32 12.29 8.58
C ARG B 71 7.78 12.58 10.01
N ALA B 72 9.04 13.02 10.16
CA ALA B 72 9.62 13.32 11.46
C ALA B 72 8.69 14.09 12.42
N TYR B 73 9.10 14.20 13.68
CA TYR B 73 8.31 14.89 14.69
C TYR B 73 8.31 16.41 14.48
N LYS B 74 7.81 16.83 13.32
CA LYS B 74 7.72 18.24 12.96
C LYS B 74 6.60 18.38 11.94
N SER B 75 6.11 17.24 11.46
CA SER B 75 5.00 17.17 10.52
C SER B 75 3.94 16.43 11.31
N GLY B 76 4.38 15.87 12.43
CA GLY B 76 3.48 15.14 13.32
C GLY B 76 3.08 16.06 14.46
N ASP B 77 3.40 17.34 14.32
CA ASP B 77 3.07 18.35 15.30
C ASP B 77 2.20 19.46 14.67
N PRO B 78 2.40 19.73 13.37
CA PRO B 78 1.61 20.77 12.69
C PRO B 78 0.27 20.23 12.20
N ALA B 79 -0.75 20.36 13.04
CA ALA B 79 -2.09 19.90 12.69
C ALA B 79 -2.51 20.53 11.37
N GLY B 80 -2.21 21.82 11.22
CA GLY B 80 -2.55 22.54 10.01
C GLY B 80 -2.07 21.85 8.74
N TYR B 81 -0.94 21.14 8.84
CA TYR B 81 -0.40 20.44 7.69
C TYR B 81 -0.58 18.93 7.77
N VAL B 82 -1.74 18.49 7.32
CA VAL B 82 -2.19 17.10 7.26
C VAL B 82 -3.57 17.36 6.68
N LYS B 83 -4.21 18.36 7.26
CA LYS B 83 -5.52 18.82 6.83
C LYS B 83 -5.22 19.68 5.63
N LYS B 84 -4.04 20.31 5.66
CA LYS B 84 -3.57 21.17 4.59
C LYS B 84 -3.75 20.41 3.28
N THR B 85 -3.40 19.13 3.32
CA THR B 85 -3.52 18.26 2.16
C THR B 85 -4.93 17.65 2.15
N LEU B 86 -5.92 18.49 1.89
CA LEU B 86 -7.32 18.05 1.86
C LEU B 86 -7.58 17.04 0.75
N TYR B 87 -6.55 16.71 -0.02
CA TYR B 87 -6.67 15.76 -1.11
C TYR B 87 -6.32 14.36 -0.62
N GLU B 88 -5.56 14.29 0.47
CA GLU B 88 -5.14 13.02 1.06
C GLU B 88 -6.03 12.57 2.21
N ILE B 89 -6.46 13.53 3.02
CA ILE B 89 -7.32 13.23 4.17
C ILE B 89 -8.38 12.20 3.83
N PRO B 90 -9.16 12.43 2.76
CA PRO B 90 -10.20 11.47 2.40
C PRO B 90 -9.63 10.09 2.10
N ALA B 91 -8.40 10.07 1.60
CA ALA B 91 -7.72 8.83 1.28
C ALA B 91 -7.25 8.11 2.54
N LEU B 92 -6.45 8.79 3.35
CA LEU B 92 -5.94 8.19 4.59
C LEU B 92 -7.01 7.97 5.64
N VAL B 93 -8.26 7.74 5.23
CA VAL B 93 -9.32 7.52 6.21
C VAL B 93 -9.60 6.04 6.47
N PRO B 94 -10.29 5.34 5.56
CA PRO B 94 -10.47 3.95 5.99
C PRO B 94 -10.41 2.99 4.80
N ALA B 95 -11.60 2.66 4.33
CA ALA B 95 -11.85 1.76 3.21
C ALA B 95 -13.32 1.44 3.36
N GLY B 96 -13.65 0.72 4.43
CA GLY B 96 -15.02 0.35 4.70
C GLY B 96 -15.46 0.84 6.06
N LEU B 97 -14.50 1.27 6.88
CA LEU B 97 -14.80 1.78 8.21
C LEU B 97 -15.61 3.05 8.06
N LEU B 98 -15.94 3.36 6.81
CA LEU B 98 -16.74 4.53 6.47
C LEU B 98 -18.13 3.97 6.22
N ALA B 99 -18.17 2.77 5.65
CA ALA B 99 -19.41 2.07 5.37
C ALA B 99 -19.86 1.38 6.65
N LEU B 100 -18.91 1.03 7.50
CA LEU B 100 -19.20 0.39 8.77
C LEU B 100 -20.17 1.30 9.50
N ILE B 101 -19.87 2.60 9.42
CA ILE B 101 -20.68 3.63 10.05
C ILE B 101 -22.06 3.62 9.43
N GLU B 102 -22.11 3.47 8.11
CA GLU B 102 -23.36 3.44 7.36
C GLU B 102 -24.35 2.49 8.02
N GLY B 103 -23.82 1.50 8.74
CA GLY B 103 -24.66 0.54 9.41
C GLY B 103 -25.38 1.17 10.60
N HIS B 104 -24.62 1.83 11.46
CA HIS B 104 -25.20 2.48 12.63
C HIS B 104 -26.07 3.65 12.18
N LEU B 105 -26.08 3.93 10.88
CA LEU B 105 -26.89 5.00 10.32
C LEU B 105 -28.22 4.46 9.82
N ALA B 106 -28.15 3.56 8.85
CA ALA B 106 -29.34 2.95 8.29
C ALA B 106 -30.17 2.35 9.41
N GLY B 107 -29.49 1.91 10.47
CA GLY B 107 -30.19 1.34 11.61
C GLY B 107 -31.01 2.42 12.29
N LEU B 108 -30.50 3.65 12.24
CA LEU B 108 -31.19 4.78 12.84
C LEU B 108 -31.99 5.54 11.79
N GLY B 109 -32.51 4.80 10.82
CA GLY B 109 -33.32 5.37 9.76
C GLY B 109 -32.83 6.63 9.08
N LEU B 110 -31.59 7.03 9.34
CA LEU B 110 -31.05 8.24 8.74
C LEU B 110 -30.82 7.99 7.25
N PHE B 111 -31.70 7.21 6.65
CA PHE B 111 -31.64 6.85 5.24
C PHE B 111 -31.30 7.99 4.30
N ARG B 112 -31.58 9.22 4.71
CA ARG B 112 -31.29 10.36 3.86
C ARG B 112 -29.77 10.51 3.77
N LEU B 113 -29.12 10.56 4.92
CA LEU B 113 -27.67 10.71 5.01
C LEU B 113 -26.91 9.55 4.36
N VAL B 114 -27.57 8.41 4.21
CA VAL B 114 -26.93 7.25 3.61
C VAL B 114 -26.43 7.55 2.20
N ARG B 115 -27.27 8.17 1.39
CA ARG B 115 -26.91 8.50 0.01
C ARG B 115 -25.59 9.25 -0.08
N LEU B 116 -25.45 10.32 0.69
CA LEU B 116 -24.24 11.11 0.68
C LEU B 116 -23.00 10.27 0.98
N LEU B 117 -23.10 9.41 1.99
CA LEU B 117 -21.97 8.56 2.35
C LEU B 117 -21.70 7.51 1.29
N ARG B 118 -22.70 7.21 0.48
CA ARG B 118 -22.55 6.23 -0.59
C ARG B 118 -21.69 6.84 -1.69
N PHE B 119 -21.87 8.13 -1.92
CA PHE B 119 -21.10 8.82 -2.94
C PHE B 119 -19.63 8.87 -2.52
N LEU B 120 -19.42 9.04 -1.21
CA LEU B 120 -18.06 9.11 -0.66
C LEU B 120 -17.26 7.84 -0.94
N ARG B 121 -17.89 6.69 -0.78
CA ARG B 121 -17.21 5.42 -1.05
C ARG B 121 -16.99 5.28 -2.55
N ILE B 122 -17.95 5.78 -3.33
CA ILE B 122 -17.87 5.73 -4.79
C ILE B 122 -16.67 6.55 -5.26
N LEU B 123 -16.54 7.76 -4.73
CA LEU B 123 -15.44 8.64 -5.08
C LEU B 123 -14.11 8.05 -4.62
N LEU B 124 -14.12 7.44 -3.45
CA LEU B 124 -12.92 6.85 -2.88
C LEU B 124 -12.37 5.66 -3.67
N ILE B 125 -13.28 4.86 -4.22
CA ILE B 125 -12.87 3.70 -5.00
C ILE B 125 -12.32 4.10 -6.36
N ILE B 126 -12.82 5.21 -6.89
CA ILE B 126 -12.34 5.70 -8.18
C ILE B 126 -10.99 6.34 -7.95
N SER B 127 -10.87 7.11 -6.87
CA SER B 127 -9.62 7.77 -6.54
C SER B 127 -8.55 6.71 -6.33
N ARG B 128 -8.62 5.98 -5.22
CA ARG B 128 -7.65 4.94 -4.92
C ARG B 128 -7.47 3.93 -6.05
N GLY B 129 -8.56 3.30 -6.46
CA GLY B 129 -8.50 2.32 -7.53
C GLY B 129 -7.65 2.79 -8.69
N SER B 130 -8.11 3.83 -9.39
CA SER B 130 -7.39 4.36 -10.54
C SER B 130 -6.04 4.96 -10.14
N LYS B 131 -6.03 5.81 -9.11
CA LYS B 131 -4.80 6.44 -8.64
C LYS B 131 -3.72 5.41 -8.36
N PHE B 132 -4.05 4.40 -7.55
CA PHE B 132 -3.08 3.37 -7.23
C PHE B 132 -2.60 2.68 -8.50
N LEU B 133 -3.52 2.50 -9.44
CA LEU B 133 -3.19 1.86 -10.70
C LEU B 133 -2.27 2.76 -11.52
N SER B 134 -1.82 3.87 -10.94
CA SER B 134 -0.91 4.79 -11.61
C SER B 134 0.48 4.24 -11.32
N ALA B 135 0.57 3.52 -10.21
CA ALA B 135 1.83 2.90 -9.78
C ALA B 135 1.74 1.44 -10.22
N ILE B 136 0.73 1.15 -11.03
CA ILE B 136 0.51 -0.19 -11.55
C ILE B 136 1.07 -0.23 -12.98
N ALA B 137 1.58 0.91 -13.44
CA ALA B 137 2.15 1.01 -14.78
C ALA B 137 3.06 -0.18 -15.07
N ASP B 138 3.48 -0.86 -14.01
CA ASP B 138 4.36 -2.03 -14.14
C ASP B 138 3.62 -3.23 -14.71
N ALA B 139 2.42 -3.50 -14.18
CA ALA B 139 1.63 -4.64 -14.64
C ALA B 139 0.14 -4.44 -14.31
N ALA B 140 -0.73 -5.11 -15.07
CA ALA B 140 -2.17 -5.00 -14.84
C ALA B 140 -2.63 -5.94 -13.74
N ASP B 141 -1.76 -6.87 -13.35
CA ASP B 141 -2.09 -7.84 -12.32
C ASP B 141 -1.85 -7.33 -10.90
N LYS B 142 -1.32 -6.12 -10.77
CA LYS B 142 -1.06 -5.55 -9.46
C LYS B 142 -2.37 -5.24 -8.74
N ILE B 143 -3.11 -6.28 -8.41
CA ILE B 143 -4.35 -6.14 -7.70
C ILE B 143 -4.88 -7.57 -7.60
N ARG B 144 -4.84 -8.31 -8.72
CA ARG B 144 -5.24 -9.71 -8.74
C ARG B 144 -4.46 -10.36 -7.61
N PHE B 145 -3.26 -9.84 -7.36
CA PHE B 145 -2.39 -10.36 -6.32
C PHE B 145 -3.03 -10.22 -4.95
N TYR B 146 -2.96 -9.02 -4.38
CA TYR B 146 -3.53 -8.75 -3.06
C TYR B 146 -4.94 -9.29 -2.99
N HIS B 147 -5.75 -8.94 -3.99
CA HIS B 147 -7.14 -9.38 -4.07
C HIS B 147 -7.22 -10.84 -3.66
N LEU B 148 -6.27 -11.62 -4.17
CA LEU B 148 -6.22 -13.04 -3.89
C LEU B 148 -5.58 -13.26 -2.52
N PHE B 149 -4.50 -12.52 -2.25
CA PHE B 149 -3.80 -12.61 -0.98
C PHE B 149 -4.81 -12.48 0.16
N GLY B 150 -5.92 -11.79 -0.12
CA GLY B 150 -6.95 -11.61 0.86
C GLY B 150 -7.50 -12.94 1.34
N ALA B 151 -8.50 -13.46 0.63
CA ALA B 151 -9.13 -14.73 0.97
C ALA B 151 -8.12 -15.68 1.58
N VAL B 152 -6.98 -15.83 0.91
CA VAL B 152 -5.91 -16.70 1.38
C VAL B 152 -5.67 -16.42 2.86
N MET B 153 -5.48 -15.14 3.18
CA MET B 153 -5.23 -14.77 4.55
C MET B 153 -6.46 -14.91 5.43
N LEU B 154 -7.60 -14.41 4.95
CA LEU B 154 -8.85 -14.49 5.69
C LEU B 154 -9.01 -15.90 6.26
N THR B 155 -9.01 -16.88 5.36
CA THR B 155 -9.17 -18.28 5.74
C THR B 155 -8.21 -18.66 6.86
N VAL B 156 -6.91 -18.39 6.67
CA VAL B 156 -5.93 -18.71 7.69
C VAL B 156 -6.40 -18.15 9.03
N LEU B 157 -6.89 -16.93 8.99
CA LEU B 157 -7.41 -16.25 10.18
C LEU B 157 -8.48 -17.12 10.79
N TYR B 158 -9.55 -17.30 10.02
CA TYR B 158 -10.68 -18.11 10.43
C TYR B 158 -10.13 -19.37 11.08
N GLY B 159 -9.12 -19.95 10.46
CA GLY B 159 -8.52 -21.16 11.00
C GLY B 159 -7.92 -20.90 12.38
N ALA B 160 -6.96 -20.00 12.44
CA ALA B 160 -6.31 -19.66 13.70
C ALA B 160 -7.36 -19.41 14.76
N PHE B 161 -8.46 -18.76 14.37
CA PHE B 161 -9.55 -18.46 15.27
C PHE B 161 -10.19 -19.77 15.74
N ALA B 162 -10.39 -20.69 14.80
CA ALA B 162 -10.99 -21.98 15.11
C ALA B 162 -10.27 -22.61 16.30
N ILE B 163 -8.96 -22.78 16.16
CA ILE B 163 -8.15 -23.36 17.23
C ILE B 163 -8.16 -22.44 18.45
N TYR B 164 -8.03 -21.14 18.20
CA TYR B 164 -8.02 -20.14 19.26
C TYR B 164 -9.11 -20.44 20.29
N ILE B 165 -10.33 -20.62 19.80
CA ILE B 165 -11.47 -20.91 20.65
C ILE B 165 -11.25 -22.20 21.46
N VAL B 166 -10.88 -23.26 20.76
CA VAL B 166 -10.67 -24.57 21.38
C VAL B 166 -9.27 -24.81 21.96
N GLU B 167 -8.47 -23.76 22.08
CA GLU B 167 -7.12 -23.94 22.62
C GLU B 167 -6.75 -22.93 23.71
N TYR B 168 -7.19 -21.69 23.54
CA TYR B 168 -6.90 -20.64 24.51
C TYR B 168 -7.22 -21.04 25.96
N PRO B 169 -8.46 -21.52 26.21
CA PRO B 169 -8.86 -21.91 27.56
C PRO B 169 -8.08 -23.09 28.16
N ASP B 170 -7.69 -24.04 27.31
CA ASP B 170 -6.94 -25.20 27.76
C ASP B 170 -5.75 -24.83 28.65
N PRO B 171 -5.52 -25.61 29.71
CA PRO B 171 -4.41 -25.39 30.66
C PRO B 171 -3.05 -25.44 29.97
N ASN B 172 -2.38 -26.57 30.09
CA ASN B 172 -1.07 -26.74 29.48
C ASN B 172 -1.23 -26.89 27.98
N SER B 173 -1.48 -25.78 27.31
CA SER B 173 -1.65 -25.74 25.86
C SER B 173 -0.70 -24.68 25.29
N SER B 174 0.33 -25.15 24.60
CA SER B 174 1.33 -24.27 24.01
C SER B 174 0.76 -23.07 23.26
N ILE B 175 -0.52 -23.13 22.93
CA ILE B 175 -1.18 -22.04 22.22
C ILE B 175 -1.86 -21.08 23.20
N LYS B 176 -1.57 -19.79 23.08
CA LYS B 176 -2.15 -18.79 23.98
C LYS B 176 -2.71 -17.59 23.23
N SER B 177 -1.84 -16.62 22.95
CA SER B 177 -2.25 -15.41 22.25
C SER B 177 -2.83 -15.73 20.88
N VAL B 178 -3.39 -14.71 20.21
CA VAL B 178 -3.96 -14.90 18.89
C VAL B 178 -2.81 -15.08 17.91
N PHE B 179 -1.63 -14.60 18.31
CA PHE B 179 -0.43 -14.73 17.49
C PHE B 179 -0.06 -16.20 17.46
N ASP B 180 0.22 -16.76 18.63
CA ASP B 180 0.59 -18.15 18.76
C ASP B 180 -0.37 -19.07 18.01
N ALA B 181 -1.65 -18.73 18.03
CA ALA B 181 -2.67 -19.52 17.34
C ALA B 181 -2.66 -19.16 15.87
N LEU B 182 -2.20 -17.97 15.58
CA LEU B 182 -2.12 -17.47 14.23
C LEU B 182 -0.91 -18.10 13.57
N TRP B 183 0.17 -18.18 14.35
CA TRP B 183 1.44 -18.74 13.89
C TRP B 183 1.14 -20.15 13.42
N TRP B 184 0.65 -20.97 14.34
CA TRP B 184 0.31 -22.36 14.05
C TRP B 184 -0.46 -22.46 12.74
N ALA B 185 -1.34 -21.48 12.51
CA ALA B 185 -2.15 -21.44 11.31
C ALA B 185 -1.29 -21.34 10.06
N VAL B 186 -0.56 -20.24 9.94
CA VAL B 186 0.32 -20.03 8.80
C VAL B 186 1.22 -21.24 8.63
N VAL B 187 1.95 -21.55 9.70
CA VAL B 187 2.88 -22.67 9.74
C VAL B 187 2.30 -23.95 9.17
N THR B 188 1.12 -24.34 9.64
CA THR B 188 0.47 -25.56 9.17
C THR B 188 -0.21 -25.36 7.81
N ALA B 189 -0.37 -24.10 7.40
CA ALA B 189 -1.01 -23.78 6.13
C ALA B 189 0.05 -23.57 5.06
N THR B 190 1.27 -23.26 5.50
CA THR B 190 2.39 -23.04 4.60
C THR B 190 3.14 -24.35 4.47
N THR B 191 2.49 -25.41 4.94
CA THR B 191 3.07 -26.75 4.90
C THR B 191 4.33 -26.82 5.75
N VAL B 192 4.68 -25.74 6.44
CA VAL B 192 5.90 -25.74 7.26
C VAL B 192 5.86 -26.51 8.56
N GLY B 193 4.98 -26.13 9.49
CA GLY B 193 4.89 -26.83 10.76
C GLY B 193 6.20 -27.01 11.50
N TYR B 194 6.27 -26.59 12.75
CA TYR B 194 7.51 -26.78 13.51
C TYR B 194 7.23 -27.73 14.66
N GLY B 195 7.83 -27.47 15.82
CA GLY B 195 7.60 -28.32 16.97
C GLY B 195 7.21 -27.48 18.17
N ASP B 196 6.68 -26.30 17.90
CA ASP B 196 6.28 -25.36 18.94
C ASP B 196 4.76 -25.24 19.02
N VAL B 197 4.13 -24.97 17.88
CA VAL B 197 2.68 -24.82 17.82
C VAL B 197 1.99 -26.14 17.50
N VAL B 198 1.16 -26.61 18.43
CA VAL B 198 0.44 -27.85 18.24
C VAL B 198 -0.68 -27.98 19.29
N PRO B 199 -1.91 -28.28 18.84
CA PRO B 199 -3.06 -28.43 19.73
C PRO B 199 -2.84 -29.48 20.82
N ALA B 200 -3.18 -29.14 22.05
CA ALA B 200 -3.03 -30.06 23.17
C ALA B 200 -4.26 -30.95 23.21
N THR B 201 -5.43 -30.32 23.25
CA THR B 201 -6.69 -31.05 23.27
C THR B 201 -6.87 -31.68 21.89
N PRO B 202 -7.16 -32.99 21.85
CA PRO B 202 -7.35 -33.66 20.56
C PRO B 202 -8.34 -32.93 19.67
N ILE B 203 -9.21 -32.13 20.29
CA ILE B 203 -10.20 -31.36 19.55
C ILE B 203 -9.52 -30.37 18.61
N GLY B 204 -8.49 -29.70 19.13
CA GLY B 204 -7.76 -28.75 18.31
C GLY B 204 -7.11 -29.48 17.16
N LYS B 205 -6.52 -30.63 17.48
CA LYS B 205 -5.86 -31.46 16.48
C LYS B 205 -6.89 -31.82 15.42
N VAL B 206 -8.12 -32.05 15.87
CA VAL B 206 -9.23 -32.38 14.99
C VAL B 206 -9.42 -31.27 13.96
N ILE B 207 -9.99 -30.16 14.40
CA ILE B 207 -10.25 -29.02 13.54
C ILE B 207 -9.01 -28.69 12.72
N GLY B 208 -7.84 -28.98 13.29
CA GLY B 208 -6.60 -28.72 12.58
C GLY B 208 -6.59 -29.43 11.25
N ILE B 209 -6.99 -30.70 11.25
CA ILE B 209 -7.04 -31.50 10.04
C ILE B 209 -7.81 -30.73 8.98
N ALA B 210 -8.79 -29.95 9.42
CA ALA B 210 -9.59 -29.14 8.51
C ALA B 210 -8.78 -27.93 8.10
N VAL B 211 -8.28 -27.20 9.10
CA VAL B 211 -7.46 -26.02 8.86
C VAL B 211 -6.50 -26.25 7.70
N MET B 212 -5.54 -27.14 7.91
CA MET B 212 -4.55 -27.46 6.89
C MET B 212 -5.21 -27.94 5.59
N LEU B 213 -6.25 -28.75 5.71
CA LEU B 213 -6.95 -29.25 4.53
C LEU B 213 -7.36 -28.04 3.69
N THR B 214 -7.57 -26.92 4.37
CA THR B 214 -7.96 -25.68 3.72
C THR B 214 -6.75 -24.78 3.50
N GLY B 215 -6.27 -24.18 4.58
CA GLY B 215 -5.11 -23.30 4.52
C GLY B 215 -4.11 -23.68 3.45
N ILE B 216 -3.78 -24.97 3.39
CA ILE B 216 -2.82 -25.46 2.40
C ILE B 216 -3.32 -25.15 1.00
N SER B 217 -4.36 -25.88 0.57
CA SER B 217 -4.94 -25.71 -0.75
C SER B 217 -4.99 -24.25 -1.21
N ALA B 218 -5.44 -23.38 -0.32
CA ALA B 218 -5.55 -21.96 -0.64
C ALA B 218 -4.17 -21.31 -0.68
N LEU B 219 -3.46 -21.37 0.45
CA LEU B 219 -2.13 -20.78 0.56
C LEU B 219 -1.27 -21.21 -0.61
N THR B 220 -1.66 -22.31 -1.25
CA THR B 220 -0.94 -22.83 -2.41
C THR B 220 -1.33 -22.06 -3.65
N LEU B 221 -2.63 -21.84 -3.84
CA LEU B 221 -3.10 -21.11 -5.00
C LEU B 221 -2.43 -19.75 -4.97
N LEU B 222 -2.10 -19.30 -3.76
CA LEU B 222 -1.44 -18.03 -3.54
C LEU B 222 -0.03 -18.09 -4.13
N ILE B 223 0.79 -18.95 -3.52
CA ILE B 223 2.17 -19.15 -3.93
C ILE B 223 2.22 -19.53 -5.41
N GLY B 224 1.12 -20.06 -5.92
CA GLY B 224 1.07 -20.43 -7.33
C GLY B 224 1.31 -19.22 -8.20
N THR B 225 0.58 -18.13 -7.91
CA THR B 225 0.72 -16.90 -8.67
C THR B 225 1.99 -16.20 -8.22
N VAL B 226 2.30 -16.30 -6.92
CA VAL B 226 3.50 -15.69 -6.37
C VAL B 226 4.66 -16.23 -7.19
N SER B 227 4.66 -17.54 -7.39
CA SER B 227 5.70 -18.21 -8.16
C SER B 227 5.74 -17.66 -9.57
N ASN B 228 4.65 -17.85 -10.31
CA ASN B 228 4.57 -17.37 -11.69
C ASN B 228 5.05 -15.93 -11.79
N MET B 229 4.45 -15.05 -10.98
CA MET B 229 4.83 -13.65 -10.98
C MET B 229 6.32 -13.52 -10.72
N PHE B 230 6.86 -14.40 -9.88
CA PHE B 230 8.28 -14.37 -9.56
C PHE B 230 9.16 -14.49 -10.80
N GLN B 231 8.67 -15.20 -11.82
CA GLN B 231 9.42 -15.34 -13.06
C GLN B 231 8.84 -14.43 -14.14
N LYS B 232 9.51 -13.30 -14.34
CA LYS B 232 9.11 -12.30 -15.33
C LYS B 232 10.13 -11.16 -15.26
N GLN C 1 36.12 19.18 0.40
CA GLN C 1 36.33 19.49 1.85
C GLN C 1 37.25 20.69 2.02
N ILE C 2 38.52 20.53 1.63
CA ILE C 2 39.49 21.61 1.76
C ILE C 2 38.95 22.86 1.07
N VAL C 3 39.56 24.01 1.36
CA VAL C 3 39.12 25.27 0.77
C VAL C 3 40.16 25.81 -0.21
N LEU C 4 39.74 26.72 -1.08
CA LEU C 4 40.63 27.30 -2.07
C LEU C 4 40.73 28.82 -1.97
N THR C 5 41.89 29.35 -2.32
CA THR C 5 42.15 30.78 -2.28
C THR C 5 42.78 31.24 -3.58
N GLN C 6 41.98 31.83 -4.45
CA GLN C 6 42.47 32.32 -5.73
C GLN C 6 42.80 33.80 -5.64
N SER C 7 44.02 34.10 -5.24
CA SER C 7 44.46 35.48 -5.11
C SER C 7 45.25 35.90 -6.35
N PRO C 8 45.06 37.14 -6.80
CA PRO C 8 44.15 38.10 -6.17
C PRO C 8 42.70 37.82 -6.54
N ALA C 9 41.77 38.10 -5.63
CA ALA C 9 40.36 37.88 -5.89
C ALA C 9 40.02 38.72 -7.13
N ILE C 10 40.69 39.85 -7.22
CA ILE C 10 40.54 40.79 -8.33
C ILE C 10 41.93 41.35 -8.59
N MET C 11 42.24 41.70 -9.84
CA MET C 11 43.54 42.24 -10.18
C MET C 11 43.58 42.81 -11.59
N SER C 12 44.56 43.67 -11.84
CA SER C 12 44.70 44.30 -13.15
C SER C 12 46.08 44.15 -13.77
N ALA C 13 46.23 44.75 -14.94
CA ALA C 13 47.46 44.75 -15.74
C ALA C 13 47.01 45.11 -17.15
N SER C 14 47.94 45.11 -18.10
CA SER C 14 47.57 45.43 -19.47
C SER C 14 48.50 44.91 -20.56
N LEU C 15 47.92 44.71 -21.74
CA LEU C 15 48.59 44.21 -22.93
C LEU C 15 50.12 44.21 -22.86
N GLY C 16 50.72 43.02 -22.93
CA GLY C 16 52.16 42.92 -22.90
C GLY C 16 52.76 42.29 -21.65
N ASP C 17 52.27 42.69 -20.49
CA ASP C 17 52.77 42.17 -19.21
C ASP C 17 52.42 40.70 -18.97
N ARG C 18 53.37 39.97 -18.38
CA ARG C 18 53.19 38.56 -18.08
C ARG C 18 52.26 38.40 -16.89
N VAL C 19 50.96 38.31 -17.18
CA VAL C 19 49.93 38.16 -16.15
C VAL C 19 50.20 36.90 -15.31
N THR C 20 49.87 36.97 -14.03
CA THR C 20 50.07 35.83 -13.13
C THR C 20 48.93 35.69 -12.12
N MET C 21 48.65 34.45 -11.72
CA MET C 21 47.61 34.15 -10.77
C MET C 21 48.13 33.04 -9.86
N THR C 22 47.42 32.78 -8.76
CA THR C 22 47.87 31.75 -7.84
C THR C 22 46.73 31.08 -7.08
N CYS C 23 46.74 29.75 -7.08
CA CYS C 23 45.73 28.95 -6.40
C CYS C 23 46.41 28.36 -5.17
N THR C 24 46.06 28.87 -3.99
CA THR C 24 46.66 28.40 -2.75
C THR C 24 45.69 27.53 -1.94
N ALA C 25 45.85 26.22 -2.03
CA ALA C 25 45.00 25.29 -1.31
C ALA C 25 45.41 25.17 0.15
N SER C 26 44.43 25.37 1.04
CA SER C 26 44.67 25.29 2.48
C SER C 26 45.43 24.02 2.82
N SER C 27 45.17 22.97 2.05
CA SER C 27 45.81 21.67 2.25
C SER C 27 46.43 21.16 0.96
N SER C 28 47.23 20.10 1.07
CA SER C 28 47.88 19.49 -0.08
C SER C 28 46.86 19.14 -1.15
N VAL C 29 47.33 18.69 -2.31
CA VAL C 29 46.43 18.32 -3.40
C VAL C 29 46.93 17.08 -4.13
N SER C 30 46.96 17.17 -5.46
CA SER C 30 47.39 16.07 -6.32
C SER C 30 47.56 16.67 -7.71
N SER C 31 48.81 16.85 -8.14
CA SER C 31 49.13 17.43 -9.44
C SER C 31 48.14 17.10 -10.56
N SER C 32 47.49 15.94 -10.47
CA SER C 32 46.54 15.51 -11.48
C SER C 32 45.23 16.29 -11.42
N TYR C 33 44.49 16.06 -10.34
CA TYR C 33 43.17 16.66 -10.11
C TYR C 33 43.12 18.19 -9.99
N LEU C 34 44.16 18.88 -10.44
CA LEU C 34 44.18 20.35 -10.36
C LEU C 34 43.93 20.90 -11.76
N HIS C 35 42.88 21.71 -11.90
CA HIS C 35 42.54 22.25 -13.20
C HIS C 35 42.15 23.73 -13.16
N TRP C 36 42.27 24.41 -14.30
CA TRP C 36 41.93 25.82 -14.40
C TRP C 36 40.85 26.10 -15.45
N TYR C 37 39.79 26.79 -15.02
CA TYR C 37 38.69 27.13 -15.91
C TYR C 37 38.62 28.63 -16.10
N GLN C 38 38.29 29.07 -17.32
CA GLN C 38 38.17 30.49 -17.63
C GLN C 38 36.70 30.81 -17.92
N GLN C 39 36.18 31.84 -17.27
CA GLN C 39 34.80 32.23 -17.47
C GLN C 39 34.66 33.69 -17.86
N LYS C 40 34.01 33.94 -18.99
CA LYS C 40 33.76 35.30 -19.44
C LYS C 40 32.37 35.64 -18.93
N PRO C 41 32.28 36.53 -17.92
CA PRO C 41 30.99 36.93 -17.34
C PRO C 41 29.86 37.07 -18.36
N GLY C 42 28.74 36.41 -18.08
CA GLY C 42 27.59 36.46 -18.97
C GLY C 42 27.45 35.15 -19.72
N SER C 43 28.57 34.61 -20.20
CA SER C 43 28.58 33.36 -20.94
C SER C 43 28.65 32.17 -19.97
N SER C 44 29.12 31.03 -20.48
CA SER C 44 29.24 29.83 -19.67
C SER C 44 30.71 29.49 -19.40
N PRO C 45 30.98 28.84 -18.25
CA PRO C 45 32.36 28.47 -17.88
C PRO C 45 33.02 27.65 -18.98
N LYS C 46 34.34 27.61 -18.98
CA LYS C 46 35.07 26.87 -20.00
C LYS C 46 36.41 26.38 -19.44
N LEU C 47 36.61 25.08 -19.42
CA LEU C 47 37.87 24.52 -18.92
C LEU C 47 39.00 25.13 -19.74
N TRP C 48 40.10 25.47 -19.08
CA TRP C 48 41.23 26.09 -19.78
C TRP C 48 42.57 25.38 -19.59
N ILE C 49 42.84 24.90 -18.39
CA ILE C 49 44.10 24.20 -18.12
C ILE C 49 43.84 22.95 -17.28
N TYR C 50 44.12 21.78 -17.85
CA TYR C 50 43.88 20.52 -17.14
C TYR C 50 45.15 19.77 -16.76
N SER C 51 45.04 19.02 -15.67
CA SER C 51 46.14 18.21 -15.15
C SER C 51 47.44 18.99 -14.91
N THR C 52 47.31 20.19 -14.34
CA THR C 52 48.45 21.04 -14.00
C THR C 52 49.31 21.58 -15.15
N SER C 53 49.85 20.71 -15.98
CA SER C 53 50.74 21.17 -17.05
C SER C 53 50.30 21.08 -18.50
N ASN C 54 49.08 20.62 -18.78
CA ASN C 54 48.65 20.53 -20.17
C ASN C 54 47.34 21.27 -20.42
N LEU C 55 47.26 22.02 -21.51
CA LEU C 55 46.09 22.82 -21.84
C LEU C 55 45.03 22.25 -22.78
N ALA C 56 43.87 22.91 -22.78
CA ALA C 56 42.72 22.53 -23.61
C ALA C 56 43.01 22.70 -25.09
N SER C 57 42.17 22.11 -25.93
CA SER C 57 42.33 22.17 -27.38
C SER C 57 42.25 23.60 -27.92
N GLY C 58 41.22 24.34 -27.51
CA GLY C 58 41.06 25.71 -27.99
C GLY C 58 41.78 26.75 -27.16
N VAL C 59 42.99 26.41 -26.68
CA VAL C 59 43.77 27.34 -25.87
C VAL C 59 45.11 27.70 -26.51
N PRO C 60 45.46 28.99 -26.50
CA PRO C 60 46.72 29.50 -27.07
C PRO C 60 47.93 29.12 -26.23
N ALA C 61 48.97 28.62 -26.89
CA ALA C 61 50.20 28.19 -26.23
C ALA C 61 50.80 29.20 -25.26
N ARG C 62 50.34 30.45 -25.32
CA ARG C 62 50.86 31.49 -24.44
C ARG C 62 50.70 31.16 -22.96
N PHE C 63 49.79 30.24 -22.63
CA PHE C 63 49.56 29.88 -21.24
C PHE C 63 50.50 28.80 -20.71
N SER C 64 50.60 28.74 -19.39
CA SER C 64 51.46 27.78 -18.71
C SER C 64 51.05 27.66 -17.24
N GLY C 65 51.04 26.43 -16.73
CA GLY C 65 50.66 26.20 -15.34
C GLY C 65 51.82 25.66 -14.52
N SER C 66 51.94 26.15 -13.29
CA SER C 66 53.01 25.71 -12.39
C SER C 66 52.50 25.48 -10.99
N GLY C 67 52.63 24.26 -10.49
CA GLY C 67 52.16 23.96 -9.15
C GLY C 67 52.64 22.64 -8.59
N SER C 68 52.43 22.47 -7.29
CA SER C 68 52.81 21.25 -6.58
C SER C 68 52.54 21.41 -5.10
N GLY C 69 52.10 20.34 -4.45
CA GLY C 69 51.82 20.38 -3.03
C GLY C 69 50.69 21.31 -2.61
N THR C 70 51.04 22.53 -2.20
CA THR C 70 50.05 23.50 -1.75
C THR C 70 49.78 24.68 -2.66
N SER C 71 50.61 24.91 -3.67
CA SER C 71 50.39 26.05 -4.57
C SER C 71 50.56 25.74 -6.04
N TYR C 72 49.77 26.42 -6.87
CA TYR C 72 49.80 26.26 -8.33
C TYR C 72 49.47 27.61 -8.97
N SER C 73 50.01 27.87 -10.16
CA SER C 73 49.76 29.15 -10.84
C SER C 73 49.22 28.97 -12.26
N LEU C 74 48.74 30.07 -12.84
CA LEU C 74 48.18 30.06 -14.19
C LEU C 74 48.95 31.02 -15.12
N THR C 75 50.13 31.42 -14.68
CA THR C 75 51.00 32.34 -15.43
C THR C 75 50.79 32.39 -16.95
N ILE C 76 51.00 33.58 -17.52
CA ILE C 76 50.87 33.82 -18.95
C ILE C 76 52.15 34.44 -19.48
N SER C 77 52.02 35.47 -20.32
CA SER C 77 53.16 36.17 -20.89
C SER C 77 52.67 37.51 -21.44
N SER C 78 51.44 37.53 -21.93
CA SER C 78 50.84 38.73 -22.49
C SER C 78 49.31 38.61 -22.46
N MET C 79 48.64 39.73 -22.18
CA MET C 79 47.18 39.74 -22.13
C MET C 79 46.63 40.17 -23.48
N GLU C 80 45.31 40.26 -23.56
CA GLU C 80 44.60 40.67 -24.76
C GLU C 80 43.32 41.37 -24.34
N ALA C 81 42.31 41.33 -25.20
CA ALA C 81 41.01 41.92 -24.91
C ALA C 81 40.10 40.76 -24.54
N GLU C 82 40.59 39.57 -24.85
CA GLU C 82 39.89 38.31 -24.60
C GLU C 82 40.16 37.81 -23.18
N ASP C 83 41.44 37.68 -22.85
CA ASP C 83 41.87 37.20 -21.54
C ASP C 83 41.14 37.82 -20.37
N ALA C 84 40.44 38.93 -20.61
CA ALA C 84 39.69 39.60 -19.55
C ALA C 84 38.58 38.67 -19.08
N ALA C 85 38.95 37.66 -18.30
CA ALA C 85 37.98 36.70 -17.81
C ALA C 85 38.28 36.25 -16.38
N THR C 86 37.25 35.74 -15.71
CA THR C 86 37.37 35.26 -14.35
C THR C 86 37.88 33.82 -14.39
N TYR C 87 39.16 33.66 -14.08
CA TYR C 87 39.80 32.34 -14.09
C TYR C 87 39.60 31.63 -12.75
N TYR C 88 39.08 30.40 -12.81
CA TYR C 88 38.84 29.60 -11.61
C TYR C 88 39.79 28.39 -11.54
N CYS C 89 40.02 27.91 -10.32
CA CYS C 89 40.87 26.75 -10.09
C CYS C 89 40.19 25.84 -9.07
N HIS C 90 39.84 24.62 -9.49
CA HIS C 90 39.18 23.69 -8.59
C HIS C 90 40.07 22.47 -8.33
N GLN C 91 39.83 21.80 -7.22
CA GLN C 91 40.61 20.63 -6.85
C GLN C 91 39.73 19.48 -6.40
N PHE C 92 40.31 18.30 -6.27
CA PHE C 92 39.58 17.12 -5.84
C PHE C 92 40.41 16.20 -4.96
N HIS C 93 40.32 16.42 -3.65
CA HIS C 93 41.04 15.58 -2.69
C HIS C 93 39.99 14.70 -2.03
N ARG C 94 39.34 15.22 -1.00
CA ARG C 94 38.28 14.48 -0.33
C ARG C 94 37.05 14.52 -1.25
N SER C 95 36.59 15.74 -1.53
CA SER C 95 35.45 15.95 -2.41
C SER C 95 35.82 16.96 -3.49
N LEU C 96 34.82 17.66 -4.02
CA LEU C 96 35.05 18.66 -5.04
C LEU C 96 34.83 20.07 -4.50
N THR C 97 35.63 21.02 -4.97
CA THR C 97 35.53 22.41 -4.55
C THR C 97 36.06 23.34 -5.64
N PHE C 98 35.83 24.64 -5.46
CA PHE C 98 36.29 25.63 -6.43
C PHE C 98 36.94 26.83 -5.73
N GLY C 99 37.38 27.80 -6.54
CA GLY C 99 38.03 28.97 -5.97
C GLY C 99 37.27 30.27 -6.12
N SER C 100 37.76 31.31 -5.42
CA SER C 100 37.14 32.63 -5.45
C SER C 100 37.23 33.23 -6.85
N GLY C 101 38.17 32.75 -7.65
CA GLY C 101 38.33 33.26 -9.00
C GLY C 101 39.24 34.46 -9.09
N THR C 102 40.42 34.27 -9.69
CA THR C 102 41.39 35.34 -9.84
C THR C 102 40.89 36.26 -10.97
N LYS C 103 39.87 37.05 -10.67
CA LYS C 103 39.27 37.95 -11.65
C LYS C 103 40.29 38.88 -12.32
N LEU C 104 40.18 38.97 -13.64
CA LEU C 104 41.07 39.82 -14.42
C LEU C 104 40.27 41.05 -14.86
N GLU C 105 40.92 42.22 -14.87
CA GLU C 105 40.27 43.46 -15.26
C GLU C 105 40.93 44.10 -16.48
N ASP D 1 32.80 17.44 -30.81
CA ASP D 1 31.52 17.91 -31.39
C ASP D 1 30.38 17.70 -30.38
N VAL D 2 30.74 17.19 -29.21
CA VAL D 2 29.76 16.93 -28.15
C VAL D 2 29.10 18.24 -27.75
N GLN D 3 28.13 18.18 -26.84
CA GLN D 3 27.44 19.38 -26.39
C GLN D 3 26.33 19.10 -25.40
N LEU D 4 26.39 19.75 -24.24
CA LEU D 4 25.35 19.58 -23.24
C LEU D 4 24.34 20.68 -23.50
N GLN D 5 23.07 20.40 -23.26
CA GLN D 5 22.01 21.37 -23.48
C GLN D 5 21.12 21.50 -22.25
N GLU D 6 21.44 22.45 -21.39
CA GLU D 6 20.66 22.64 -20.18
C GLU D 6 19.41 23.49 -20.39
N SER D 7 18.37 23.16 -19.61
CA SER D 7 17.10 23.85 -19.66
C SER D 7 16.41 23.58 -18.32
N GLY D 8 15.45 24.42 -17.96
CA GLY D 8 14.77 24.22 -16.70
C GLY D 8 13.88 25.38 -16.31
N PRO D 9 13.16 25.28 -15.18
CA PRO D 9 12.27 26.33 -14.70
C PRO D 9 12.96 27.68 -14.51
N GLY D 10 13.15 28.06 -13.25
CA GLY D 10 13.80 29.33 -12.95
C GLY D 10 12.98 30.21 -12.03
N LEU D 11 12.24 29.59 -11.11
CA LEU D 11 11.41 30.32 -10.16
C LEU D 11 10.48 29.35 -9.41
N VAL D 12 10.52 29.40 -8.08
CA VAL D 12 9.69 28.54 -7.23
C VAL D 12 9.55 29.13 -5.82
N LYS D 13 8.61 28.56 -5.06
CA LYS D 13 8.38 29.00 -3.69
C LYS D 13 9.11 28.07 -2.73
N PRO D 14 9.60 28.62 -1.60
CA PRO D 14 10.33 27.86 -0.59
C PRO D 14 9.65 26.55 -0.20
N SER D 15 10.47 25.56 0.18
CA SER D 15 9.98 24.24 0.58
C SER D 15 9.59 23.40 -0.63
N GLN D 16 9.52 24.03 -1.80
CA GLN D 16 9.15 23.33 -3.02
C GLN D 16 10.42 22.83 -3.72
N SER D 17 10.33 21.62 -4.27
CA SER D 17 11.47 21.02 -4.95
C SER D 17 11.79 21.61 -6.32
N LEU D 18 13.08 21.63 -6.64
CA LEU D 18 13.57 22.15 -7.90
C LEU D 18 13.85 20.97 -8.83
N SER D 19 13.33 21.03 -10.05
CA SER D 19 13.53 19.95 -11.01
C SER D 19 14.21 20.45 -12.30
N LEU D 20 15.49 20.13 -12.45
CA LEU D 20 16.26 20.54 -13.61
C LEU D 20 16.40 19.43 -14.64
N THR D 21 16.50 19.82 -15.91
CA THR D 21 16.64 18.87 -17.02
C THR D 21 17.69 19.32 -18.02
N CYS D 22 18.71 18.49 -18.22
CA CYS D 22 19.79 18.79 -19.15
C CYS D 22 19.96 17.66 -20.15
N THR D 23 19.86 17.99 -21.43
CA THR D 23 20.00 17.00 -22.50
C THR D 23 21.46 16.92 -22.93
N VAL D 24 21.79 15.85 -23.65
CA VAL D 24 23.16 15.67 -24.13
C VAL D 24 23.09 15.22 -25.58
N THR D 25 23.97 15.78 -26.42
CA THR D 25 23.98 15.42 -27.83
C THR D 25 25.39 15.11 -28.32
N GLY D 26 25.46 14.18 -29.28
CA GLY D 26 26.76 13.80 -29.82
C GLY D 26 27.52 12.83 -28.94
N TYR D 27 26.85 12.29 -27.94
CA TYR D 27 27.49 11.35 -27.02
C TYR D 27 26.43 10.53 -26.28
N SER D 28 26.84 9.90 -25.18
CA SER D 28 25.92 9.08 -24.38
C SER D 28 26.23 9.23 -22.89
N ILE D 29 25.21 9.09 -22.05
CA ILE D 29 25.40 9.21 -20.61
C ILE D 29 25.84 7.88 -20.00
N THR D 30 26.16 6.92 -20.85
CA THR D 30 26.58 5.61 -20.37
C THR D 30 27.99 5.20 -20.78
N ASN D 31 28.52 5.84 -21.82
CA ASN D 31 29.86 5.51 -22.28
C ASN D 31 30.87 5.66 -21.15
N ASN D 32 31.49 6.83 -21.04
CA ASN D 32 32.46 7.08 -19.99
C ASN D 32 32.25 8.45 -19.35
N TYR D 33 33.13 8.81 -18.43
CA TYR D 33 33.06 10.09 -17.73
C TYR D 33 31.91 10.11 -16.73
N ALA D 34 31.75 11.23 -16.06
CA ALA D 34 30.69 11.43 -15.09
C ALA D 34 29.86 12.62 -15.54
N TRP D 35 28.72 12.83 -14.91
CA TRP D 35 27.85 13.95 -15.29
C TRP D 35 27.50 14.80 -14.08
N ASN D 36 27.94 16.06 -14.13
CA ASN D 36 27.76 17.00 -13.03
C ASN D 36 26.65 18.05 -13.09
N TRP D 37 26.40 18.61 -11.91
CA TRP D 37 25.41 19.64 -11.68
C TRP D 37 26.08 20.67 -10.77
N ILE D 38 26.92 21.51 -11.36
CA ILE D 38 27.64 22.53 -10.62
C ILE D 38 27.02 23.90 -10.82
N ARG D 39 26.47 24.46 -9.75
CA ARG D 39 25.83 25.77 -9.82
C ARG D 39 26.78 26.93 -9.54
N GLN D 40 26.39 28.11 -10.00
CA GLN D 40 27.16 29.32 -9.81
C GLN D 40 26.31 30.36 -9.08
N PHE D 41 26.62 30.60 -7.81
CA PHE D 41 25.89 31.55 -6.99
C PHE D 41 25.93 32.98 -7.52
N PRO D 42 25.11 33.87 -6.96
CA PRO D 42 25.07 35.27 -7.40
C PRO D 42 26.45 35.90 -7.18
N GLY D 43 27.19 35.31 -6.26
CA GLY D 43 28.53 35.79 -5.95
C GLY D 43 29.55 35.21 -6.91
N ASN D 44 29.07 34.79 -8.07
CA ASN D 44 29.90 34.22 -9.12
C ASN D 44 30.73 33.03 -8.64
N LYS D 45 30.46 32.57 -7.42
CA LYS D 45 31.17 31.43 -6.86
C LYS D 45 30.65 30.17 -7.55
N LEU D 46 31.35 29.06 -7.38
CA LEU D 46 30.93 27.81 -7.98
C LEU D 46 30.83 26.71 -6.94
N GLU D 47 29.68 26.05 -6.91
CA GLU D 47 29.47 24.97 -5.95
C GLU D 47 29.00 23.71 -6.69
N TRP D 48 29.81 22.67 -6.60
CA TRP D 48 29.49 21.40 -7.23
C TRP D 48 28.47 20.65 -6.37
N MET D 49 27.37 20.24 -6.98
CA MET D 49 26.33 19.53 -6.24
C MET D 49 26.53 18.02 -6.25
N GLY D 50 26.66 17.43 -7.44
CA GLY D 50 26.85 15.99 -7.51
C GLY D 50 26.99 15.47 -8.92
N TYR D 51 26.96 14.15 -9.06
CA TYR D 51 27.08 13.54 -10.37
C TYR D 51 26.58 12.11 -10.46
N ILE D 52 26.10 11.77 -11.65
CA ILE D 52 25.64 10.42 -11.96
C ILE D 52 26.73 10.05 -12.95
N ASN D 53 26.82 8.79 -13.36
CA ASN D 53 27.86 8.45 -14.31
C ASN D 53 27.45 7.53 -15.43
N TYR D 54 28.41 7.21 -16.28
CA TYR D 54 28.20 6.33 -17.42
C TYR D 54 27.47 5.06 -16.98
N SER D 55 27.82 4.54 -15.81
CA SER D 55 27.20 3.32 -15.30
C SER D 55 25.86 3.60 -14.64
N GLY D 56 25.79 4.63 -13.81
CA GLY D 56 24.56 4.96 -13.13
C GLY D 56 24.78 5.50 -11.74
N THR D 57 25.63 4.82 -10.97
CA THR D 57 25.92 5.22 -9.59
C THR D 57 26.14 6.74 -9.48
N THR D 58 25.91 7.29 -8.30
CA THR D 58 26.04 8.73 -8.09
C THR D 58 26.57 9.14 -6.71
N SER D 59 27.03 10.38 -6.62
CA SER D 59 27.55 10.95 -5.37
C SER D 59 27.28 12.45 -5.37
N TYR D 60 26.96 13.00 -4.21
CA TYR D 60 26.64 14.42 -4.10
C TYR D 60 27.57 15.18 -3.16
N ASN D 61 27.30 16.47 -3.03
CA ASN D 61 28.07 17.35 -2.15
C ASN D 61 27.66 16.98 -0.73
N PRO D 62 28.62 16.59 0.11
CA PRO D 62 28.39 16.18 1.51
C PRO D 62 27.45 17.04 2.34
N SER D 63 27.22 18.28 1.91
CA SER D 63 26.33 19.18 2.65
C SER D 63 24.89 19.08 2.14
N LEU D 64 24.73 19.14 0.83
CA LEU D 64 23.41 19.08 0.19
C LEU D 64 22.73 17.72 0.21
N LYS D 65 23.52 16.65 0.28
CA LYS D 65 22.98 15.29 0.29
C LYS D 65 21.66 15.15 1.06
N SER D 66 21.66 15.63 2.30
CA SER D 66 20.49 15.56 3.15
C SER D 66 19.24 16.14 2.50
N ARG D 67 19.42 16.90 1.43
CA ARG D 67 18.30 17.54 0.75
C ARG D 67 18.26 17.42 -0.78
N ILE D 68 18.99 16.47 -1.36
CA ILE D 68 18.99 16.32 -2.81
C ILE D 68 19.12 14.89 -3.32
N SER D 69 19.13 14.75 -4.65
CA SER D 69 19.26 13.46 -5.33
C SER D 69 19.26 13.71 -6.83
N ILE D 70 19.76 12.74 -7.61
CA ILE D 70 19.81 12.89 -9.06
C ILE D 70 19.49 11.60 -9.80
N THR D 71 19.05 11.74 -11.05
CA THR D 71 18.70 10.59 -11.89
C THR D 71 19.06 10.83 -13.36
N ARG D 72 18.53 9.98 -14.24
CA ARG D 72 18.80 10.10 -15.67
C ARG D 72 17.78 9.36 -16.54
N ASP D 73 17.65 9.82 -17.79
CA ASP D 73 16.74 9.22 -18.75
C ASP D 73 17.56 8.37 -19.71
N THR D 74 17.98 7.20 -19.22
CA THR D 74 18.79 6.26 -19.99
C THR D 74 18.43 6.17 -21.47
N SER D 75 17.13 6.28 -21.77
CA SER D 75 16.65 6.20 -23.14
C SER D 75 16.77 7.48 -23.96
N LYS D 76 16.20 8.57 -23.45
CA LYS D 76 16.24 9.85 -24.15
C LYS D 76 17.60 10.55 -24.06
N ASN D 77 18.46 10.06 -23.18
CA ASN D 77 19.79 10.62 -23.00
C ASN D 77 19.76 11.97 -22.27
N GLN D 78 19.44 11.92 -20.98
CA GLN D 78 19.37 13.12 -20.14
C GLN D 78 19.52 12.70 -18.67
N PHE D 79 19.82 13.67 -17.81
CA PHE D 79 19.95 13.40 -16.38
C PHE D 79 19.06 14.39 -15.64
N PHE D 80 18.73 14.09 -14.39
CA PHE D 80 17.84 14.97 -13.64
C PHE D 80 18.31 15.41 -12.26
N LEU D 81 18.28 16.72 -12.04
CA LEU D 81 18.66 17.31 -10.77
C LEU D 81 17.41 17.52 -9.93
N GLN D 82 17.47 17.12 -8.66
CA GLN D 82 16.32 17.25 -7.77
C GLN D 82 16.76 17.79 -6.40
N LEU D 83 16.30 18.99 -6.08
CA LEU D 83 16.63 19.59 -4.79
C LEU D 83 15.33 19.77 -4.01
N ASN D 84 15.33 19.34 -2.76
CA ASN D 84 14.14 19.45 -1.91
C ASN D 84 14.25 20.62 -0.95
N SER D 85 13.14 21.35 -0.80
CA SER D 85 13.06 22.52 0.08
C SER D 85 14.06 23.61 -0.30
N VAL D 86 13.79 24.29 -1.42
CA VAL D 86 14.66 25.34 -1.92
C VAL D 86 14.51 26.65 -1.14
N THR D 87 15.52 27.01 -0.37
CA THR D 87 15.48 28.25 0.40
C THR D 87 16.04 29.37 -0.47
N THR D 88 16.36 30.50 0.15
CA THR D 88 16.90 31.65 -0.57
C THR D 88 18.33 31.43 -1.06
N GLU D 89 19.18 30.90 -0.20
CA GLU D 89 20.58 30.64 -0.54
C GLU D 89 20.75 29.97 -1.90
N ASP D 90 19.83 29.07 -2.23
CA ASP D 90 19.89 28.34 -3.49
C ASP D 90 19.79 29.23 -4.72
N THR D 91 19.42 30.49 -4.53
CA THR D 91 19.32 31.43 -5.64
C THR D 91 20.66 31.51 -6.34
N ALA D 92 20.69 31.08 -7.61
CA ALA D 92 21.93 31.10 -8.37
C ALA D 92 21.73 30.64 -9.82
N THR D 93 22.84 30.34 -10.48
CA THR D 93 22.83 29.87 -11.86
C THR D 93 23.19 28.39 -11.85
N TYR D 94 22.71 27.63 -12.83
CA TYR D 94 23.01 26.21 -12.89
C TYR D 94 23.71 25.77 -14.17
N PHE D 95 24.53 24.73 -14.03
CA PHE D 95 25.30 24.19 -15.15
C PHE D 95 25.47 22.68 -15.09
N CYS D 96 25.40 22.04 -16.25
CA CYS D 96 25.61 20.60 -16.33
C CYS D 96 26.88 20.43 -17.14
N VAL D 97 27.81 19.60 -16.64
CA VAL D 97 29.07 19.40 -17.32
C VAL D 97 29.63 18.01 -17.37
N ARG D 98 30.26 17.72 -18.51
CA ARG D 98 30.90 16.43 -18.77
C ARG D 98 32.16 16.36 -17.94
N GLY D 99 32.18 15.47 -16.95
CA GLY D 99 33.35 15.33 -16.11
C GLY D 99 34.40 14.46 -16.77
N TYR D 100 35.34 15.09 -17.47
CA TYR D 100 36.40 14.36 -18.17
C TYR D 100 37.44 13.85 -17.17
N ASP D 101 38.45 13.16 -17.70
CA ASP D 101 39.53 12.59 -16.93
C ASP D 101 39.89 13.35 -15.65
N TYR D 102 40.32 12.61 -14.64
CA TYR D 102 40.70 13.16 -13.34
C TYR D 102 39.75 14.25 -12.86
N PHE D 103 38.54 14.26 -13.40
CA PHE D 103 37.54 15.26 -13.03
C PHE D 103 37.97 16.63 -13.53
N ALA D 104 37.34 17.07 -14.63
CA ALA D 104 37.63 18.36 -15.23
C ALA D 104 36.60 18.60 -16.33
N MET D 105 35.47 19.19 -15.95
CA MET D 105 34.40 19.48 -16.89
C MET D 105 34.99 20.05 -18.18
N ASP D 106 35.04 19.21 -19.23
CA ASP D 106 35.60 19.65 -20.51
C ASP D 106 34.55 20.11 -21.51
N TYR D 107 33.32 20.27 -21.05
CA TYR D 107 32.23 20.72 -21.92
C TYR D 107 31.11 21.30 -21.05
N TRP D 108 30.93 22.62 -21.13
CA TRP D 108 29.92 23.30 -20.34
C TRP D 108 28.67 23.72 -21.12
N GLY D 109 27.52 23.63 -20.44
CA GLY D 109 26.26 24.01 -21.05
C GLY D 109 26.12 25.52 -20.92
N GLN D 110 25.33 26.13 -21.81
CA GLN D 110 25.15 27.57 -21.80
C GLN D 110 24.74 28.17 -20.45
N GLY D 111 23.63 27.68 -19.87
CA GLY D 111 23.21 28.22 -18.59
C GLY D 111 21.72 28.41 -18.37
N THR D 112 21.33 28.56 -17.10
CA THR D 112 19.94 28.78 -16.72
C THR D 112 19.88 29.56 -15.41
N SER D 113 19.04 30.58 -15.35
CA SER D 113 18.90 31.39 -14.15
C SER D 113 17.72 30.98 -13.28
N VAL D 114 18.00 30.61 -12.04
CA VAL D 114 16.97 30.21 -11.12
C VAL D 114 16.89 31.20 -9.97
N THR D 115 15.70 31.72 -9.71
CA THR D 115 15.49 32.68 -8.63
C THR D 115 14.60 32.06 -7.56
N VAL D 116 14.86 32.40 -6.30
CA VAL D 116 14.06 31.85 -5.21
C VAL D 116 13.46 32.97 -4.35
N GLN E 1 -38.51 -0.30 22.60
CA GLN E 1 -39.21 -1.27 23.50
C GLN E 1 -40.33 -0.58 24.26
N ILE E 2 -40.15 0.71 24.54
CA ILE E 2 -41.13 1.50 25.27
C ILE E 2 -42.53 1.36 24.66
N VAL E 3 -43.55 1.55 25.50
CA VAL E 3 -44.93 1.45 25.04
C VAL E 3 -45.51 2.83 24.79
N LEU E 4 -46.63 2.89 24.07
CA LEU E 4 -47.27 4.17 23.77
C LEU E 4 -48.69 4.30 24.30
N THR E 5 -49.06 5.54 24.64
CA THR E 5 -50.38 5.83 25.16
C THR E 5 -50.99 7.03 24.44
N GLN E 6 -51.87 6.76 23.47
CA GLN E 6 -52.52 7.83 22.72
C GLN E 6 -53.87 8.17 23.33
N SER E 7 -53.87 9.06 24.32
CA SER E 7 -55.08 9.47 24.99
C SER E 7 -55.63 10.76 24.38
N PRO E 8 -56.95 10.86 24.22
CA PRO E 8 -57.93 9.83 24.58
C PRO E 8 -58.00 8.71 23.55
N ALA E 9 -58.21 7.48 24.02
CA ALA E 9 -58.31 6.33 23.12
C ALA E 9 -59.43 6.67 22.13
N ILE E 10 -60.43 7.37 22.65
CA ILE E 10 -61.58 7.81 21.88
C ILE E 10 -61.92 9.19 22.43
N MET E 11 -62.46 10.07 21.60
CA MET E 11 -62.84 11.40 22.05
C MET E 11 -63.64 12.10 20.97
N SER E 12 -64.30 13.20 21.37
CA SER E 12 -65.14 13.94 20.43
C SER E 12 -64.96 15.45 20.51
N ALA E 13 -65.75 16.15 19.72
CA ALA E 13 -65.72 17.61 19.66
C ALA E 13 -66.67 18.02 18.54
N SER E 14 -66.63 19.30 18.17
CA SER E 14 -67.49 19.80 17.10
C SER E 14 -66.70 20.67 16.13
N LEU E 15 -67.32 21.00 15.01
CA LEU E 15 -66.67 21.83 14.00
C LEU E 15 -66.25 23.16 14.61
N GLY E 16 -65.01 23.56 14.36
CA GLY E 16 -64.55 24.84 14.91
C GLY E 16 -63.64 24.75 16.12
N ASP E 17 -63.90 23.82 17.03
CA ASP E 17 -63.07 23.67 18.23
C ASP E 17 -61.64 23.20 17.94
N ARG E 18 -60.68 23.73 18.69
CA ARG E 18 -59.27 23.37 18.52
C ARG E 18 -58.99 21.98 19.07
N VAL E 19 -59.25 20.97 18.24
CA VAL E 19 -59.04 19.57 18.62
C VAL E 19 -57.61 19.31 19.09
N THR E 20 -57.47 18.44 20.08
CA THR E 20 -56.16 18.10 20.62
C THR E 20 -56.08 16.60 20.93
N MET E 21 -54.85 16.08 20.94
CA MET E 21 -54.57 14.67 21.22
C MET E 21 -53.21 14.63 21.89
N THR E 22 -52.86 13.51 22.51
CA THR E 22 -51.57 13.41 23.17
C THR E 22 -50.95 12.02 23.14
N CYS E 23 -49.65 11.99 22.83
CA CYS E 23 -48.87 10.76 22.74
C CYS E 23 -47.91 10.77 23.93
N THR E 24 -48.22 9.96 24.94
CA THR E 24 -47.38 9.90 26.14
C THR E 24 -46.57 8.61 26.17
N ALA E 25 -45.30 8.72 25.82
CA ALA E 25 -44.40 7.56 25.80
C ALA E 25 -43.93 7.19 27.20
N SER E 26 -44.09 5.92 27.54
CA SER E 26 -43.69 5.41 28.84
C SER E 26 -42.28 5.86 29.19
N SER E 27 -41.45 5.98 28.16
CA SER E 27 -40.07 6.39 28.32
C SER E 27 -39.72 7.50 27.33
N SER E 28 -38.54 8.09 27.50
CA SER E 28 -38.07 9.15 26.63
C SER E 28 -38.16 8.73 25.17
N VAL E 29 -37.86 9.65 24.25
CA VAL E 29 -37.91 9.35 22.83
C VAL E 29 -36.80 10.07 22.08
N SER E 30 -37.16 10.72 20.99
CA SER E 30 -36.23 11.45 20.14
C SER E 30 -37.06 12.31 19.21
N SER E 31 -37.05 13.62 19.45
CA SER E 31 -37.81 14.58 18.65
C SER E 31 -37.90 14.25 17.17
N SER E 32 -36.92 13.51 16.67
CA SER E 32 -36.89 13.13 15.26
C SER E 32 -37.84 11.98 14.92
N TYR E 33 -37.50 10.79 15.42
CA TYR E 33 -38.27 9.57 15.17
C TYR E 33 -39.71 9.57 15.67
N LEU E 34 -40.27 10.73 15.94
CA LEU E 34 -41.66 10.80 16.41
C LEU E 34 -42.54 11.24 15.24
N HIS E 35 -43.47 10.38 14.83
CA HIS E 35 -44.33 10.69 13.71
C HIS E 35 -45.81 10.41 13.99
N TRP E 36 -46.68 11.04 13.21
CA TRP E 36 -48.12 10.87 13.34
C TRP E 36 -48.77 10.43 12.04
N TYR E 37 -49.61 9.41 12.12
CA TYR E 37 -50.31 8.87 10.95
C TYR E 37 -51.81 8.97 11.16
N GLN E 38 -52.52 9.34 10.10
CA GLN E 38 -53.97 9.46 10.13
C GLN E 38 -54.59 8.32 9.34
N GLN E 39 -55.54 7.63 9.95
CA GLN E 39 -56.20 6.51 9.28
C GLN E 39 -57.72 6.67 9.23
N LYS E 40 -58.27 6.65 8.03
CA LYS E 40 -59.70 6.75 7.85
C LYS E 40 -60.21 5.31 7.76
N PRO E 41 -60.88 4.83 8.83
CA PRO E 41 -61.41 3.46 8.85
C PRO E 41 -61.95 2.96 7.52
N GLY E 42 -61.46 1.80 7.10
CA GLY E 42 -61.87 1.22 5.84
C GLY E 42 -60.76 1.37 4.81
N SER E 43 -60.15 2.55 4.79
CA SER E 43 -59.07 2.84 3.86
C SER E 43 -57.74 2.34 4.39
N SER E 44 -56.65 2.90 3.86
CA SER E 44 -55.31 2.54 4.27
C SER E 44 -54.67 3.66 5.08
N PRO E 45 -53.73 3.31 5.98
CA PRO E 45 -53.04 4.31 6.81
C PRO E 45 -52.36 5.36 5.95
N LYS E 46 -52.07 6.52 6.55
CA LYS E 46 -51.42 7.59 5.81
C LYS E 46 -50.64 8.50 6.75
N LEU E 47 -49.34 8.67 6.48
CA LEU E 47 -48.53 9.54 7.34
C LEU E 47 -49.14 10.92 7.29
N TRP E 48 -49.04 11.65 8.39
CA TRP E 48 -49.62 12.98 8.46
C TRP E 48 -48.69 14.03 9.03
N ILE E 49 -47.91 13.65 10.04
CA ILE E 49 -46.97 14.56 10.67
C ILE E 49 -45.69 13.82 11.01
N TYR E 50 -44.57 14.26 10.44
CA TYR E 50 -43.28 13.61 10.72
C TYR E 50 -42.31 14.55 11.42
N SER E 51 -41.44 13.97 12.25
CA SER E 51 -40.44 14.73 12.99
C SER E 51 -41.10 15.82 13.85
N THR E 52 -42.19 15.46 14.52
CA THR E 52 -42.92 16.36 15.43
C THR E 52 -43.70 17.53 14.83
N SER E 53 -43.02 18.41 14.08
CA SER E 53 -43.68 19.59 13.53
C SER E 53 -44.09 19.59 12.06
N ASN E 54 -43.17 19.30 11.14
CA ASN E 54 -43.50 19.32 9.72
C ASN E 54 -44.62 18.36 9.34
N LEU E 55 -45.38 18.74 8.32
CA LEU E 55 -46.50 17.92 7.85
C LEU E 55 -46.30 17.37 6.44
N ALA E 56 -47.07 16.33 6.11
CA ALA E 56 -47.00 15.70 4.80
C ALA E 56 -47.36 16.71 3.72
N SER E 57 -47.01 16.40 2.48
CA SER E 57 -47.29 17.29 1.38
C SER E 57 -48.79 17.54 1.22
N GLY E 58 -49.59 16.48 1.42
CA GLY E 58 -51.02 16.61 1.30
C GLY E 58 -51.73 16.93 2.60
N VAL E 59 -51.10 17.76 3.44
CA VAL E 59 -51.68 18.12 4.73
C VAL E 59 -51.94 19.62 4.87
N PRO E 60 -53.14 20.00 5.35
CA PRO E 60 -53.52 21.39 5.55
C PRO E 60 -52.79 22.03 6.73
N ALA E 61 -52.20 23.20 6.48
CA ALA E 61 -51.44 23.93 7.48
C ALA E 61 -52.11 24.09 8.85
N ARG E 62 -53.40 23.77 8.93
CA ARG E 62 -54.12 23.91 10.19
C ARG E 62 -53.52 23.07 11.31
N PHE E 63 -52.78 22.02 10.95
CA PHE E 63 -52.17 21.15 11.94
C PHE E 63 -50.86 21.65 12.54
N SER E 64 -50.53 21.12 13.71
CA SER E 64 -49.32 21.49 14.42
C SER E 64 -48.99 20.43 15.46
N GLY E 65 -47.71 20.12 15.60
CA GLY E 65 -47.28 19.13 16.57
C GLY E 65 -46.39 19.72 17.64
N SER E 66 -46.59 19.30 18.88
CA SER E 66 -45.79 19.80 20.00
C SER E 66 -45.36 18.70 20.95
N GLY E 67 -44.04 18.53 21.10
CA GLY E 67 -43.56 17.49 21.99
C GLY E 67 -42.08 17.56 22.32
N SER E 68 -41.66 16.69 23.23
CA SER E 68 -40.27 16.62 23.67
C SER E 68 -40.17 15.69 24.87
N GLY E 69 -39.08 14.94 24.96
CA GLY E 69 -38.89 14.04 26.08
C GLY E 69 -39.90 12.90 26.19
N THR E 70 -40.92 13.10 27.01
CA THR E 70 -41.94 12.07 27.23
C THR E 70 -43.33 12.33 26.65
N SER E 71 -43.57 13.54 26.16
CA SER E 71 -44.89 13.84 25.61
C SER E 71 -44.87 14.66 24.32
N TYR E 72 -45.83 14.38 23.45
CA TYR E 72 -45.96 15.07 22.15
C TYR E 72 -47.45 15.17 21.79
N SER E 73 -47.84 16.25 21.12
CA SER E 73 -49.25 16.45 20.74
C SER E 73 -49.49 16.65 19.25
N LEU E 74 -50.74 16.47 18.83
CA LEU E 74 -51.15 16.60 17.43
C LEU E 74 -52.11 17.78 17.21
N THR E 75 -52.22 18.64 18.22
CA THR E 75 -53.10 19.82 18.20
C THR E 75 -53.52 20.36 16.83
N ILE E 76 -54.74 20.89 16.77
CA ILE E 76 -55.30 21.47 15.55
C ILE E 76 -55.78 22.90 15.83
N SER E 77 -56.94 23.25 15.30
CA SER E 77 -57.55 24.57 15.48
C SER E 77 -59.03 24.48 15.13
N SER E 78 -59.36 23.60 14.20
CA SER E 78 -60.75 23.40 13.76
C SER E 78 -60.88 22.04 13.09
N MET E 79 -62.01 21.38 13.31
CA MET E 79 -62.26 20.07 12.71
C MET E 79 -63.01 20.26 11.39
N GLU E 80 -63.47 19.16 10.80
CA GLU E 80 -64.20 19.16 9.54
C GLU E 80 -65.01 17.87 9.49
N ALA E 81 -65.27 17.39 8.28
CA ALA E 81 -66.01 16.14 8.08
C ALA E 81 -64.96 15.10 7.71
N GLU E 82 -63.78 15.59 7.37
CA GLU E 82 -62.64 14.78 6.98
C GLU E 82 -61.85 14.31 8.19
N ASP E 83 -61.45 15.26 9.04
CA ASP E 83 -60.67 15.00 10.24
C ASP E 83 -61.16 13.82 11.09
N ALA E 84 -62.38 13.35 10.84
CA ALA E 84 -62.92 12.22 11.59
C ALA E 84 -62.11 10.97 11.24
N ALA E 85 -60.93 10.87 11.81
CA ALA E 85 -60.05 9.73 11.56
C ALA E 85 -59.25 9.32 12.79
N THR E 86 -58.84 8.05 12.80
CA THR E 86 -58.06 7.51 13.90
C THR E 86 -56.60 7.89 13.71
N TYR E 87 -56.12 8.82 14.53
CA TYR E 87 -54.75 9.30 14.44
C TYR E 87 -53.80 8.44 15.30
N TYR E 88 -52.71 7.97 14.69
CA TYR E 88 -51.74 7.13 15.38
C TYR E 88 -50.39 7.83 15.54
N CYS E 89 -49.67 7.48 16.60
CA CYS E 89 -48.35 8.04 16.86
C CYS E 89 -47.39 6.91 17.20
N HIS E 90 -46.37 6.74 16.35
CA HIS E 90 -45.39 5.69 16.55
C HIS E 90 -44.02 6.31 16.84
N GLN E 91 -43.17 5.57 17.53
CA GLN E 91 -41.83 6.05 17.86
C GLN E 91 -40.79 5.00 17.52
N PHE E 92 -39.52 5.37 17.66
CA PHE E 92 -38.43 4.46 17.37
C PHE E 92 -37.22 4.68 18.27
N HIS E 93 -37.22 4.03 19.43
CA HIS E 93 -36.08 4.14 20.34
C HIS E 93 -35.30 2.84 20.16
N ARG E 94 -35.63 1.82 20.97
CA ARG E 94 -34.96 0.54 20.85
C ARG E 94 -35.41 -0.09 19.53
N SER E 95 -36.72 -0.29 19.40
CA SER E 95 -37.30 -0.86 18.19
C SER E 95 -38.45 0.01 17.71
N LEU E 96 -39.40 -0.59 16.99
CA LEU E 96 -40.55 0.16 16.48
C LEU E 96 -41.82 -0.22 17.23
N THR E 97 -42.68 0.77 17.45
CA THR E 97 -43.96 0.57 18.14
C THR E 97 -44.97 1.60 17.67
N PHE E 98 -46.23 1.38 18.03
CA PHE E 98 -47.31 2.30 17.67
C PHE E 98 -48.19 2.60 18.89
N GLY E 99 -49.22 3.42 18.70
CA GLY E 99 -50.10 3.77 19.80
C GLY E 99 -51.51 3.23 19.68
N SER E 100 -52.29 3.43 20.74
CA SER E 100 -53.68 2.98 20.76
C SER E 100 -54.51 3.69 19.71
N GLY E 101 -54.13 4.93 19.41
CA GLY E 101 -54.85 5.72 18.42
C GLY E 101 -55.88 6.64 19.02
N THR E 102 -55.59 7.93 19.03
CA THR E 102 -56.51 8.92 19.57
C THR E 102 -57.68 9.05 18.60
N LYS E 103 -58.57 8.06 18.61
CA LYS E 103 -59.72 8.07 17.73
C LYS E 103 -60.58 9.32 17.86
N LEU E 104 -60.99 9.86 16.72
CA LEU E 104 -61.82 11.05 16.68
C LEU E 104 -63.23 10.64 16.26
N GLU E 105 -64.24 11.28 16.85
CA GLU E 105 -65.63 10.96 16.54
C GLU E 105 -66.38 12.14 15.92
N ASP F 1 -44.36 8.88 -7.65
CA ASP F 1 -44.82 7.71 -8.44
C ASP F 1 -44.60 6.43 -7.65
N VAL F 2 -43.96 6.55 -6.49
CA VAL F 2 -43.70 5.40 -5.64
C VAL F 2 -45.01 4.74 -5.26
N GLN F 3 -45.05 3.41 -5.30
CA GLN F 3 -46.26 2.69 -4.97
C GLN F 3 -46.04 1.24 -4.60
N LEU F 4 -46.45 0.86 -3.39
CA LEU F 4 -46.32 -0.51 -2.94
C LEU F 4 -47.60 -1.22 -3.35
N GLN F 5 -47.46 -2.47 -3.79
CA GLN F 5 -48.59 -3.27 -4.22
C GLN F 5 -48.62 -4.60 -3.48
N GLU F 6 -49.25 -4.62 -2.31
CA GLU F 6 -49.31 -5.86 -1.53
C GLU F 6 -50.32 -6.86 -2.04
N SER F 7 -50.00 -8.13 -1.85
CA SER F 7 -50.84 -9.24 -2.29
C SER F 7 -50.48 -10.50 -1.51
N GLY F 8 -51.38 -11.47 -1.49
CA GLY F 8 -51.11 -12.69 -0.77
C GLY F 8 -52.32 -13.61 -0.61
N PRO F 9 -52.23 -14.61 0.28
CA PRO F 9 -53.30 -15.57 0.54
C PRO F 9 -54.46 -14.96 1.32
N GLY F 10 -54.57 -15.30 2.60
CA GLY F 10 -55.64 -14.77 3.42
C GLY F 10 -56.46 -15.85 4.09
N LEU F 11 -55.79 -16.93 4.50
CA LEU F 11 -56.46 -18.06 5.17
C LEU F 11 -55.52 -19.26 5.24
N VAL F 12 -55.32 -19.79 6.43
CA VAL F 12 -54.45 -20.95 6.64
C VAL F 12 -54.77 -21.68 7.95
N LYS F 13 -54.25 -22.89 8.09
CA LYS F 13 -54.45 -23.68 9.30
C LYS F 13 -53.26 -23.46 10.23
N PRO F 14 -53.51 -23.45 11.55
CA PRO F 14 -52.47 -23.25 12.56
C PRO F 14 -51.24 -24.11 12.33
N SER F 15 -50.09 -23.61 12.81
CA SER F 15 -48.81 -24.29 12.67
C SER F 15 -48.26 -24.17 11.26
N GLN F 16 -49.13 -23.80 10.31
CA GLN F 16 -48.71 -23.64 8.93
C GLN F 16 -48.15 -22.23 8.72
N SER F 17 -47.12 -22.12 7.89
CA SER F 17 -46.47 -20.84 7.63
C SER F 17 -47.24 -19.92 6.69
N LEU F 18 -47.11 -18.62 6.96
CA LEU F 18 -47.77 -17.58 6.17
C LEU F 18 -46.74 -16.99 5.20
N SER F 19 -47.09 -16.92 3.92
CA SER F 19 -46.18 -16.38 2.91
C SER F 19 -46.80 -15.20 2.18
N LEU F 20 -46.33 -13.99 2.50
CA LEU F 20 -46.83 -12.77 1.89
C LEU F 20 -45.91 -12.24 0.78
N THR F 21 -46.51 -11.60 -0.21
CA THR F 21 -45.77 -11.05 -1.34
C THR F 21 -46.25 -9.63 -1.69
N CYS F 22 -45.32 -8.68 -1.63
CA CYS F 22 -45.62 -7.27 -1.93
C CYS F 22 -44.67 -6.76 -3.01
N THR F 23 -45.25 -6.28 -4.10
CA THR F 23 -44.45 -5.75 -5.21
C THR F 23 -44.24 -4.25 -5.01
N VAL F 24 -43.29 -3.69 -5.74
CA VAL F 24 -42.99 -2.26 -5.65
C VAL F 24 -42.83 -1.71 -7.05
N THR F 25 -43.40 -0.54 -7.31
CA THR F 25 -43.30 0.07 -8.62
C THR F 25 -42.88 1.54 -8.56
N GLY F 26 -42.14 1.98 -9.57
CA GLY F 26 -41.68 3.35 -9.61
C GLY F 26 -40.47 3.61 -8.73
N TYR F 27 -39.86 2.54 -8.25
CA TYR F 27 -38.68 2.66 -7.39
C TYR F 27 -37.91 1.34 -7.35
N SER F 28 -37.03 1.19 -6.36
CA SER F 28 -36.22 -0.02 -6.22
C SER F 28 -36.05 -0.38 -4.75
N ILE F 29 -35.91 -1.67 -4.46
CA ILE F 29 -35.75 -2.13 -3.09
C ILE F 29 -34.29 -2.06 -2.66
N THR F 30 -33.45 -1.46 -3.50
CA THR F 30 -32.03 -1.36 -3.20
C THR F 30 -31.50 0.05 -3.07
N ASN F 31 -32.23 1.02 -3.62
CA ASN F 31 -31.81 2.41 -3.55
C ASN F 31 -31.60 2.83 -2.10
N ASN F 32 -32.62 3.41 -1.48
CA ASN F 32 -32.53 3.84 -0.10
C ASN F 32 -33.77 3.44 0.68
N TYR F 33 -33.83 3.85 1.95
CA TYR F 33 -34.95 3.55 2.83
C TYR F 33 -34.95 2.09 3.23
N ALA F 34 -35.96 1.71 4.01
CA ALA F 34 -36.12 0.34 4.48
C ALA F 34 -37.48 -0.13 4.01
N TRP F 35 -37.75 -1.43 4.14
CA TRP F 35 -39.02 -1.98 3.71
C TRP F 35 -39.69 -2.77 4.82
N ASN F 36 -40.86 -2.29 5.24
CA ASN F 36 -41.60 -2.88 6.34
C ASN F 36 -42.78 -3.79 6.07
N TRP F 37 -43.15 -4.50 7.14
CA TRP F 37 -44.27 -5.42 7.16
C TRP F 37 -45.01 -5.18 8.46
N ILE F 38 -45.80 -4.11 8.49
CA ILE F 38 -46.56 -3.73 9.68
C ILE F 38 -48.02 -4.13 9.55
N ARG F 39 -48.46 -5.05 10.40
CA ARG F 39 -49.83 -5.52 10.37
C ARG F 39 -50.76 -4.74 11.28
N GLN F 40 -52.05 -4.82 10.98
CA GLN F 40 -53.09 -4.15 11.74
C GLN F 40 -54.09 -5.18 12.26
N PHE F 41 -54.04 -5.42 13.56
CA PHE F 41 -54.93 -6.39 14.20
C PHE F 41 -56.40 -6.04 14.06
N PRO F 42 -57.29 -6.99 14.43
CA PRO F 42 -58.73 -6.75 14.34
C PRO F 42 -59.11 -5.58 15.25
N GLY F 43 -58.25 -5.34 16.24
CA GLY F 43 -58.48 -4.24 17.16
C GLY F 43 -57.93 -2.94 16.61
N ASN F 44 -57.80 -2.89 15.29
CA ASN F 44 -57.32 -1.72 14.59
C ASN F 44 -55.95 -1.25 15.07
N LYS F 45 -55.33 -2.04 15.94
CA LYS F 45 -54.02 -1.70 16.46
C LYS F 45 -52.99 -1.95 15.36
N LEU F 46 -51.78 -1.45 15.55
CA LEU F 46 -50.73 -1.64 14.56
C LEU F 46 -49.49 -2.24 15.19
N GLU F 47 -49.00 -3.32 14.59
CA GLU F 47 -47.81 -3.99 15.10
C GLU F 47 -46.80 -4.15 13.98
N TRP F 48 -45.64 -3.53 14.16
CA TRP F 48 -44.56 -3.60 13.18
C TRP F 48 -43.83 -4.93 13.35
N MET F 49 -43.71 -5.69 12.26
CA MET F 49 -43.04 -6.97 12.32
C MET F 49 -41.54 -6.87 12.05
N GLY F 50 -41.17 -6.27 10.92
CA GLY F 50 -39.76 -6.15 10.61
C GLY F 50 -39.48 -5.44 9.31
N TYR F 51 -38.23 -5.48 8.87
CA TYR F 51 -37.85 -4.83 7.63
C TYR F 51 -36.55 -5.32 7.01
N ILE F 52 -36.51 -5.25 5.69
CA ILE F 52 -35.31 -5.60 4.92
C ILE F 52 -34.98 -4.21 4.41
N ASN F 53 -33.81 -4.02 3.80
CA ASN F 53 -33.50 -2.69 3.33
C ASN F 53 -32.87 -2.63 1.95
N TYR F 54 -32.57 -1.40 1.52
CA TYR F 54 -31.96 -1.16 0.23
C TYR F 54 -30.75 -2.07 0.03
N SER F 55 -29.98 -2.30 1.09
CA SER F 55 -28.80 -3.14 1.00
C SER F 55 -29.13 -4.62 1.09
N GLY F 56 -30.00 -4.97 2.04
CA GLY F 56 -30.38 -6.36 2.21
C GLY F 56 -30.62 -6.74 3.65
N THR F 57 -29.69 -6.36 4.52
CA THR F 57 -29.79 -6.66 5.95
C THR F 57 -31.22 -6.44 6.48
N THR F 58 -31.57 -7.13 7.55
CA THR F 58 -32.92 -7.02 8.12
C THR F 58 -32.98 -7.13 9.65
N SER F 59 -34.11 -6.67 10.20
CA SER F 59 -34.36 -6.73 11.64
C SER F 59 -35.86 -6.88 11.87
N TYR F 60 -36.22 -7.65 12.89
CA TYR F 60 -37.64 -7.91 13.18
C TYR F 60 -38.06 -7.44 14.56
N ASN F 61 -39.34 -7.67 14.86
CA ASN F 61 -39.92 -7.32 16.15
C ASN F 61 -39.36 -8.33 17.15
N PRO F 62 -38.68 -7.84 18.20
CA PRO F 62 -38.07 -8.68 19.25
C PRO F 62 -38.90 -9.84 19.78
N SER F 63 -40.21 -9.80 19.59
CA SER F 63 -41.07 -10.87 20.08
C SER F 63 -41.29 -11.94 19.02
N LEU F 64 -41.61 -11.50 17.80
CA LEU F 64 -41.86 -12.41 16.69
C LEU F 64 -40.63 -13.11 16.12
N LYS F 65 -39.46 -12.50 16.26
CA LYS F 65 -38.22 -13.07 15.72
C LYS F 65 -38.14 -14.58 15.84
N SER F 66 -38.37 -15.10 17.04
CA SER F 66 -38.32 -16.53 17.29
C SER F 66 -39.19 -17.34 16.33
N ARG F 67 -40.10 -16.67 15.63
CA ARG F 67 -41.00 -17.35 14.70
C ARG F 67 -41.17 -16.72 13.32
N ILE F 68 -40.26 -15.86 12.90
CA ILE F 68 -40.37 -15.23 11.58
C ILE F 68 -39.05 -14.98 10.86
N SER F 69 -39.15 -14.40 9.67
CA SER F 69 -38.01 -14.07 8.82
C SER F 69 -38.52 -13.39 7.56
N ILE F 70 -37.65 -12.65 6.86
CA ILE F 70 -38.05 -11.96 5.64
C ILE F 70 -36.97 -12.01 4.55
N THR F 71 -37.40 -11.85 3.29
CA THR F 71 -36.48 -11.86 2.16
C THR F 71 -36.93 -10.90 1.06
N ARG F 72 -36.35 -11.04 -0.13
CA ARG F 72 -36.68 -10.16 -1.25
C ARG F 72 -36.28 -10.74 -2.60
N ASP F 73 -36.96 -10.28 -3.66
CA ASP F 73 -36.69 -10.72 -5.02
C ASP F 73 -35.90 -9.61 -5.72
N THR F 74 -34.62 -9.50 -5.38
CA THR F 74 -33.74 -8.49 -5.94
C THR F 74 -33.97 -8.19 -7.41
N SER F 75 -34.33 -9.21 -8.19
CA SER F 75 -34.55 -9.06 -9.62
C SER F 75 -35.94 -8.52 -10.00
N LYS F 76 -36.99 -9.20 -9.53
CA LYS F 76 -38.35 -8.79 -9.84
C LYS F 76 -38.82 -7.56 -9.04
N ASN F 77 -38.06 -7.21 -8.02
CA ASN F 77 -38.37 -6.05 -7.18
C ASN F 77 -39.56 -6.32 -6.25
N GLN F 78 -39.33 -7.18 -5.25
CA GLN F 78 -40.34 -7.55 -4.27
C GLN F 78 -39.66 -8.06 -3.01
N PHE F 79 -40.40 -8.12 -1.90
CA PHE F 79 -39.86 -8.63 -0.65
C PHE F 79 -40.81 -9.70 -0.14
N PHE F 80 -40.34 -10.57 0.76
CA PHE F 80 -41.20 -11.64 1.25
C PHE F 80 -41.29 -11.80 2.76
N LEU F 81 -42.54 -11.85 3.24
CA LEU F 81 -42.83 -12.02 4.65
C LEU F 81 -43.06 -13.51 4.92
N GLN F 82 -42.42 -14.02 5.97
CA GLN F 82 -42.57 -15.43 6.32
C GLN F 82 -42.77 -15.60 7.82
N LEU F 83 -43.95 -16.09 8.20
CA LEU F 83 -44.26 -16.32 9.60
C LEU F 83 -44.49 -17.82 9.80
N ASN F 84 -43.84 -18.39 10.81
CA ASN F 84 -43.96 -19.82 11.08
C ASN F 84 -44.92 -20.08 12.24
N SER F 85 -45.76 -21.10 12.07
CA SER F 85 -46.74 -21.49 13.08
C SER F 85 -47.72 -20.36 13.40
N VAL F 86 -48.62 -20.09 12.47
CA VAL F 86 -49.62 -19.03 12.63
C VAL F 86 -50.78 -19.43 13.54
N THR F 87 -50.83 -18.84 14.72
CA THR F 87 -51.90 -19.13 15.66
C THR F 87 -53.07 -18.20 15.38
N THR F 88 -54.01 -18.12 16.33
CA THR F 88 -55.17 -17.26 16.17
C THR F 88 -54.84 -15.78 16.28
N GLU F 89 -54.04 -15.42 17.27
CA GLU F 89 -53.66 -14.03 17.49
C GLU F 89 -53.21 -13.32 16.21
N ASP F 90 -52.54 -14.05 15.33
CA ASP F 90 -52.04 -13.48 14.08
C ASP F 90 -53.15 -12.98 13.14
N THR F 91 -54.40 -13.33 13.46
CA THR F 91 -55.53 -12.90 12.65
C THR F 91 -55.55 -11.38 12.59
N ALA F 92 -55.35 -10.82 11.41
CA ALA F 92 -55.32 -9.37 11.24
C ALA F 92 -55.18 -8.95 9.79
N THR F 93 -54.83 -7.68 9.59
CA THR F 93 -54.62 -7.11 8.26
C THR F 93 -53.13 -6.87 8.09
N TYR F 94 -52.64 -6.91 6.85
CA TYR F 94 -51.22 -6.70 6.60
C TYR F 94 -50.92 -5.55 5.66
N PHE F 95 -49.76 -4.92 5.88
CA PHE F 95 -49.33 -3.78 5.10
C PHE F 95 -47.82 -3.74 4.88
N CYS F 96 -47.42 -3.33 3.68
CA CYS F 96 -46.01 -3.17 3.37
C CYS F 96 -45.80 -1.69 3.13
N VAL F 97 -44.77 -1.13 3.78
CA VAL F 97 -44.52 0.29 3.65
C VAL F 97 -43.09 0.76 3.53
N ARG F 98 -42.91 1.79 2.71
CA ARG F 98 -41.63 2.41 2.44
C ARG F 98 -41.22 3.18 3.69
N GLY F 99 -40.17 2.71 4.37
CA GLY F 99 -39.71 3.40 5.56
C GLY F 99 -38.84 4.58 5.21
N TYR F 100 -39.44 5.76 5.13
CA TYR F 100 -38.70 6.97 4.79
C TYR F 100 -37.86 7.47 5.98
N ASP F 101 -37.14 8.56 5.76
CA ASP F 101 -36.29 9.16 6.78
C ASP F 101 -36.75 8.97 8.21
N TYR F 102 -35.77 8.88 9.12
CA TYR F 102 -36.02 8.69 10.55
C TYR F 102 -37.13 7.67 10.83
N PHE F 103 -37.42 6.82 9.84
CA PHE F 103 -38.47 5.82 9.98
C PHE F 103 -39.83 6.49 10.04
N ALA F 104 -40.55 6.43 8.92
CA ALA F 104 -41.87 7.02 8.79
C ALA F 104 -42.45 6.59 7.45
N MET F 105 -43.14 5.45 7.46
CA MET F 105 -43.74 4.90 6.25
C MET F 105 -44.44 6.02 5.48
N ASP F 106 -43.81 6.48 4.40
CA ASP F 106 -44.39 7.57 3.60
C ASP F 106 -45.15 7.08 2.38
N TYR F 107 -45.51 5.81 2.37
CA TYR F 107 -46.25 5.20 1.26
C TYR F 107 -46.79 3.86 1.75
N TRP F 108 -48.10 3.70 1.78
CA TRP F 108 -48.71 2.47 2.23
C TRP F 108 -49.40 1.66 1.14
N GLY F 109 -49.43 0.34 1.33
CA GLY F 109 -50.07 -0.54 0.39
C GLY F 109 -51.53 -0.59 0.76
N GLN F 110 -52.41 -0.87 -0.19
CA GLN F 110 -53.84 -0.92 0.09
C GLN F 110 -54.24 -1.79 1.29
N GLY F 111 -53.84 -3.05 1.28
CA GLY F 111 -54.18 -3.93 2.39
C GLY F 111 -54.54 -5.35 2.01
N THR F 112 -54.36 -6.27 2.95
CA THR F 112 -54.67 -7.67 2.73
C THR F 112 -55.26 -8.28 4.00
N SER F 113 -56.40 -8.95 3.87
CA SER F 113 -57.07 -9.57 5.01
C SER F 113 -56.70 -11.04 5.21
N VAL F 114 -56.00 -11.32 6.30
CA VAL F 114 -55.59 -12.68 6.63
C VAL F 114 -56.42 -13.22 7.78
N THR F 115 -56.97 -14.41 7.58
CA THR F 115 -57.81 -15.05 8.59
C THR F 115 -57.19 -16.34 9.13
N VAL F 116 -57.34 -16.56 10.43
CA VAL F 116 -56.81 -17.75 11.10
C VAL F 116 -57.86 -18.36 12.01
K K G . 8.10 -30.14 9.72
K K H . 7.13 -29.89 6.67
K K I . 9.13 -30.40 12.95
K K J . 6.12 -29.64 3.48
#